data_1PRU
# 
_entry.id   1PRU 
# 
_audit_conform.dict_name       mmcif_pdbx.dic 
_audit_conform.dict_version    5.391 
_audit_conform.dict_location   http://mmcif.pdb.org/dictionaries/ascii/mmcif_pdbx.dic 
# 
loop_
_database_2.database_id 
_database_2.database_code 
_database_2.pdbx_database_accession 
_database_2.pdbx_DOI 
PDB   1PRU         pdb_00001pru 10.2210/pdb1pru/pdb 
WWPDB D_1000175814 ?            ?                   
# 
loop_
_pdbx_audit_revision_history.ordinal 
_pdbx_audit_revision_history.data_content_type 
_pdbx_audit_revision_history.major_revision 
_pdbx_audit_revision_history.minor_revision 
_pdbx_audit_revision_history.revision_date 
1 'Structure model' 1 0 1996-03-08 
2 'Structure model' 1 1 2008-03-24 
3 'Structure model' 1 2 2011-07-13 
4 'Structure model' 1 3 2012-02-22 
5 'Structure model' 1 4 2024-05-01 
# 
_pdbx_audit_revision_details.ordinal             1 
_pdbx_audit_revision_details.revision_ordinal    1 
_pdbx_audit_revision_details.data_content_type   'Structure model' 
_pdbx_audit_revision_details.provider            repository 
_pdbx_audit_revision_details.type                'Initial release' 
_pdbx_audit_revision_details.description         ? 
_pdbx_audit_revision_details.details             ? 
# 
loop_
_pdbx_audit_revision_group.ordinal 
_pdbx_audit_revision_group.revision_ordinal 
_pdbx_audit_revision_group.data_content_type 
_pdbx_audit_revision_group.group 
1 2 'Structure model' 'Version format compliance' 
2 3 'Structure model' 'Version format compliance' 
3 4 'Structure model' 'Database references'       
4 5 'Structure model' 'Data collection'           
5 5 'Structure model' 'Database references'       
6 5 'Structure model' Other                       
7 5 'Structure model' 'Structure summary'         
# 
loop_
_pdbx_audit_revision_category.ordinal 
_pdbx_audit_revision_category.revision_ordinal 
_pdbx_audit_revision_category.data_content_type 
_pdbx_audit_revision_category.category 
1 5 'Structure model' chem_comp_atom       
2 5 'Structure model' chem_comp_bond       
3 5 'Structure model' database_2           
4 5 'Structure model' pdbx_database_status 
5 5 'Structure model' struct_keywords      
# 
loop_
_pdbx_audit_revision_item.ordinal 
_pdbx_audit_revision_item.revision_ordinal 
_pdbx_audit_revision_item.data_content_type 
_pdbx_audit_revision_item.item 
1 5 'Structure model' '_database_2.pdbx_DOI'                
2 5 'Structure model' '_database_2.pdbx_database_accession' 
3 5 'Structure model' '_pdbx_database_status.process_site'  
4 5 'Structure model' '_struct_keywords.text'               
# 
_pdbx_database_status.status_code                     REL 
_pdbx_database_status.entry_id                        1PRU 
_pdbx_database_status.recvd_initial_deposition_date   1995-05-08 
_pdbx_database_status.deposit_site                    ? 
_pdbx_database_status.process_site                    BNL 
_pdbx_database_status.SG_entry                        . 
_pdbx_database_status.status_code_sf                  ? 
_pdbx_database_status.status_code_mr                  ? 
_pdbx_database_status.status_code_cs                  ? 
_pdbx_database_status.methods_development_category    ? 
_pdbx_database_status.pdb_format_compatible           Y 
_pdbx_database_status.status_code_nmr_data            ? 
# 
_pdbx_database_related.db_name        PDB 
_pdbx_database_related.db_id          1PRV 
_pdbx_database_related.details        . 
_pdbx_database_related.content_type   ensemble 
# 
loop_
_audit_author.name 
_audit_author.pdbx_ordinal 
'Nagadoi, A.'      1  
'Morikawa, S.'     2  
'Nakamura, H.'     3  
'Enari, M.'        4  
'Kobayashi, K.'    5  
'Yamamoto, H.'     6  
'Sampei, G.'       7  
'Mizobuchi, K.'    8  
'Schumacher, M.A.' 9  
'Brennan, R.G.'    10 
'Nishimura, Y.'    11 
# 
loop_
_citation.id 
_citation.title 
_citation.journal_abbrev 
_citation.journal_volume 
_citation.page_first 
_citation.page_last 
_citation.year 
_citation.journal_id_ASTM 
_citation.country 
_citation.journal_id_ISSN 
_citation.journal_id_CSD 
_citation.book_publisher 
_citation.pdbx_database_id_PubMed 
_citation.pdbx_database_id_DOI 
primary 'Structural comparison of the free and DNA-bound forms of the purine repressor DNA-binding domain.' Structure 3   1217 
1224 1995 STRUE6 UK 0969-2126 2005 ? 8591032 '10.1016/S0969-2126(01)00257-X' 
1       'Crystal Structure of LacI Member, PurR, Bound to DNA: Minor Groove Binding by Alpha Helices'       Science   266 763  ? 
1994 SCIEAS US 0036-8075 0038 ? ?       ?                               
# 
loop_
_citation_author.citation_id 
_citation_author.name 
_citation_author.ordinal 
_citation_author.identifier_ORCID 
primary 'Nagadoi, A.'      1  ? 
primary 'Morikawa, S.'     2  ? 
primary 'Nakamura, H.'     3  ? 
primary 'Enari, M.'        4  ? 
primary 'Kobayashi, K.'    5  ? 
primary 'Yamamoto, H.'     6  ? 
primary 'Sampei, G.'       7  ? 
primary 'Mizobuchi, K.'    8  ? 
primary 'Schumacher, M.A.' 9  ? 
primary 'Brennan, R.G.'    10 ? 
primary 'Nishimura, Y.'    11 ? 
1       'Schumacher, M.A.' 12 ? 
1       'Choi, K.Y.'       13 ? 
1       'Zalkin, H.'       14 ? 
1       'Brennan, R.G.'    15 ? 
# 
_entity.id                         1 
_entity.type                       polymer 
_entity.src_method                 man 
_entity.pdbx_description           'PURINE REPRESSOR' 
_entity.formula_weight             6179.133 
_entity.pdbx_number_of_molecules   1 
_entity.pdbx_ec                    ? 
_entity.pdbx_mutation              ? 
_entity.pdbx_fragment              DNA-BINDING 
_entity.details                    ? 
# 
_entity_poly.entity_id                      1 
_entity_poly.type                           'polypeptide(L)' 
_entity_poly.nstd_linkage                   no 
_entity_poly.nstd_monomer                   no 
_entity_poly.pdbx_seq_one_letter_code       MATIKDVAKRANVSTTTVSHVINKTRFVAEETRNAVWAAIKELHYSPSAVARSLKV 
_entity_poly.pdbx_seq_one_letter_code_can   MATIKDVAKRANVSTTTVSHVINKTRFVAEETRNAVWAAIKELHYSPSAVARSLKV 
_entity_poly.pdbx_strand_id                 A 
_entity_poly.pdbx_target_identifier         ? 
# 
loop_
_entity_poly_seq.entity_id 
_entity_poly_seq.num 
_entity_poly_seq.mon_id 
_entity_poly_seq.hetero 
1 1  MET n 
1 2  ALA n 
1 3  THR n 
1 4  ILE n 
1 5  LYS n 
1 6  ASP n 
1 7  VAL n 
1 8  ALA n 
1 9  LYS n 
1 10 ARG n 
1 11 ALA n 
1 12 ASN n 
1 13 VAL n 
1 14 SER n 
1 15 THR n 
1 16 THR n 
1 17 THR n 
1 18 VAL n 
1 19 SER n 
1 20 HIS n 
1 21 VAL n 
1 22 ILE n 
1 23 ASN n 
1 24 LYS n 
1 25 THR n 
1 26 ARG n 
1 27 PHE n 
1 28 VAL n 
1 29 ALA n 
1 30 GLU n 
1 31 GLU n 
1 32 THR n 
1 33 ARG n 
1 34 ASN n 
1 35 ALA n 
1 36 VAL n 
1 37 TRP n 
1 38 ALA n 
1 39 ALA n 
1 40 ILE n 
1 41 LYS n 
1 42 GLU n 
1 43 LEU n 
1 44 HIS n 
1 45 TYR n 
1 46 SER n 
1 47 PRO n 
1 48 SER n 
1 49 ALA n 
1 50 VAL n 
1 51 ALA n 
1 52 ARG n 
1 53 SER n 
1 54 LEU n 
1 55 LYS n 
1 56 VAL n 
# 
_entity_src_gen.entity_id                          1 
_entity_src_gen.pdbx_src_id                        1 
_entity_src_gen.pdbx_alt_source_flag               sample 
_entity_src_gen.pdbx_seq_type                      ? 
_entity_src_gen.pdbx_beg_seq_num                   ? 
_entity_src_gen.pdbx_end_seq_num                   ? 
_entity_src_gen.gene_src_common_name               ? 
_entity_src_gen.gene_src_genus                     Escherichia 
_entity_src_gen.pdbx_gene_src_gene                 ? 
_entity_src_gen.gene_src_species                   ? 
_entity_src_gen.gene_src_strain                    ? 
_entity_src_gen.gene_src_tissue                    ? 
_entity_src_gen.gene_src_tissue_fraction           ? 
_entity_src_gen.gene_src_details                   ? 
_entity_src_gen.pdbx_gene_src_fragment             ? 
_entity_src_gen.pdbx_gene_src_scientific_name      'Escherichia coli' 
_entity_src_gen.pdbx_gene_src_ncbi_taxonomy_id     562 
_entity_src_gen.pdbx_gene_src_variant              ? 
_entity_src_gen.pdbx_gene_src_cell_line            ? 
_entity_src_gen.pdbx_gene_src_atcc                 ? 
_entity_src_gen.pdbx_gene_src_organ                ? 
_entity_src_gen.pdbx_gene_src_organelle            ? 
_entity_src_gen.pdbx_gene_src_cell                 ? 
_entity_src_gen.pdbx_gene_src_cellular_location    ? 
_entity_src_gen.host_org_common_name               ? 
_entity_src_gen.pdbx_host_org_scientific_name      'Escherichia coli BL21' 
_entity_src_gen.pdbx_host_org_ncbi_taxonomy_id     511693 
_entity_src_gen.host_org_genus                     Escherichia 
_entity_src_gen.pdbx_host_org_gene                 PURR 
_entity_src_gen.pdbx_host_org_organ                ? 
_entity_src_gen.host_org_species                   'Escherichia coli' 
_entity_src_gen.pdbx_host_org_tissue               ? 
_entity_src_gen.pdbx_host_org_tissue_fraction      ? 
_entity_src_gen.pdbx_host_org_strain               BL21 
_entity_src_gen.pdbx_host_org_variant              ? 
_entity_src_gen.pdbx_host_org_cell_line            ? 
_entity_src_gen.pdbx_host_org_atcc                 ? 
_entity_src_gen.pdbx_host_org_culture_collection   ? 
_entity_src_gen.pdbx_host_org_cell                 ? 
_entity_src_gen.pdbx_host_org_organelle            ? 
_entity_src_gen.pdbx_host_org_cellular_location    ? 
_entity_src_gen.pdbx_host_org_vector_type          ? 
_entity_src_gen.pdbx_host_org_vector               ? 
_entity_src_gen.host_org_details                   ? 
_entity_src_gen.expression_system_id               ? 
_entity_src_gen.plasmid_name                       PAR2156NCOI 
_entity_src_gen.plasmid_details                    ? 
_entity_src_gen.pdbx_description                   ? 
# 
loop_
_chem_comp.id 
_chem_comp.type 
_chem_comp.mon_nstd_flag 
_chem_comp.name 
_chem_comp.pdbx_synonyms 
_chem_comp.formula 
_chem_comp.formula_weight 
ALA 'L-peptide linking' y ALANINE         ? 'C3 H7 N O2'     89.093  
ARG 'L-peptide linking' y ARGININE        ? 'C6 H15 N4 O2 1' 175.209 
ASN 'L-peptide linking' y ASPARAGINE      ? 'C4 H8 N2 O3'    132.118 
ASP 'L-peptide linking' y 'ASPARTIC ACID' ? 'C4 H7 N O4'     133.103 
GLU 'L-peptide linking' y 'GLUTAMIC ACID' ? 'C5 H9 N O4'     147.129 
HIS 'L-peptide linking' y HISTIDINE       ? 'C6 H10 N3 O2 1' 156.162 
ILE 'L-peptide linking' y ISOLEUCINE      ? 'C6 H13 N O2'    131.173 
LEU 'L-peptide linking' y LEUCINE         ? 'C6 H13 N O2'    131.173 
LYS 'L-peptide linking' y LYSINE          ? 'C6 H15 N2 O2 1' 147.195 
MET 'L-peptide linking' y METHIONINE      ? 'C5 H11 N O2 S'  149.211 
PHE 'L-peptide linking' y PHENYLALANINE   ? 'C9 H11 N O2'    165.189 
PRO 'L-peptide linking' y PROLINE         ? 'C5 H9 N O2'     115.130 
SER 'L-peptide linking' y SERINE          ? 'C3 H7 N O3'     105.093 
THR 'L-peptide linking' y THREONINE       ? 'C4 H9 N O3'     119.119 
TRP 'L-peptide linking' y TRYPTOPHAN      ? 'C11 H12 N2 O2'  204.225 
TYR 'L-peptide linking' y TYROSINE        ? 'C9 H11 N O3'    181.189 
VAL 'L-peptide linking' y VALINE          ? 'C5 H11 N O2'    117.146 
# 
loop_
_pdbx_poly_seq_scheme.asym_id 
_pdbx_poly_seq_scheme.entity_id 
_pdbx_poly_seq_scheme.seq_id 
_pdbx_poly_seq_scheme.mon_id 
_pdbx_poly_seq_scheme.ndb_seq_num 
_pdbx_poly_seq_scheme.pdb_seq_num 
_pdbx_poly_seq_scheme.auth_seq_num 
_pdbx_poly_seq_scheme.pdb_mon_id 
_pdbx_poly_seq_scheme.auth_mon_id 
_pdbx_poly_seq_scheme.pdb_strand_id 
_pdbx_poly_seq_scheme.pdb_ins_code 
_pdbx_poly_seq_scheme.hetero 
A 1 1  MET 1  1  1  MET MET A . n 
A 1 2  ALA 2  2  2  ALA ALA A . n 
A 1 3  THR 3  3  3  THR THR A . n 
A 1 4  ILE 4  4  4  ILE ILE A . n 
A 1 5  LYS 5  5  5  LYS LYS A . n 
A 1 6  ASP 6  6  6  ASP ASP A . n 
A 1 7  VAL 7  7  7  VAL VAL A . n 
A 1 8  ALA 8  8  8  ALA ALA A . n 
A 1 9  LYS 9  9  9  LYS LYS A . n 
A 1 10 ARG 10 10 10 ARG ARG A . n 
A 1 11 ALA 11 11 11 ALA ALA A . n 
A 1 12 ASN 12 12 12 ASN ASN A . n 
A 1 13 VAL 13 13 13 VAL VAL A . n 
A 1 14 SER 14 14 14 SER SER A . n 
A 1 15 THR 15 15 15 THR THR A . n 
A 1 16 THR 16 16 16 THR THR A . n 
A 1 17 THR 17 17 17 THR THR A . n 
A 1 18 VAL 18 18 18 VAL VAL A . n 
A 1 19 SER 19 19 19 SER SER A . n 
A 1 20 HIS 20 20 20 HIS HIS A . n 
A 1 21 VAL 21 21 21 VAL VAL A . n 
A 1 22 ILE 22 22 22 ILE ILE A . n 
A 1 23 ASN 23 23 23 ASN ASN A . n 
A 1 24 LYS 24 24 24 LYS LYS A . n 
A 1 25 THR 25 25 25 THR THR A . n 
A 1 26 ARG 26 26 26 ARG ARG A . n 
A 1 27 PHE 27 27 27 PHE PHE A . n 
A 1 28 VAL 28 28 28 VAL VAL A . n 
A 1 29 ALA 29 29 29 ALA ALA A . n 
A 1 30 GLU 30 30 30 GLU GLU A . n 
A 1 31 GLU 31 31 31 GLU GLU A . n 
A 1 32 THR 32 32 32 THR THR A . n 
A 1 33 ARG 33 33 33 ARG ARG A . n 
A 1 34 ASN 34 34 34 ASN ASN A . n 
A 1 35 ALA 35 35 35 ALA ALA A . n 
A 1 36 VAL 36 36 36 VAL VAL A . n 
A 1 37 TRP 37 37 37 TRP TRP A . n 
A 1 38 ALA 38 38 38 ALA ALA A . n 
A 1 39 ALA 39 39 39 ALA ALA A . n 
A 1 40 ILE 40 40 40 ILE ILE A . n 
A 1 41 LYS 41 41 41 LYS LYS A . n 
A 1 42 GLU 42 42 42 GLU GLU A . n 
A 1 43 LEU 43 43 43 LEU LEU A . n 
A 1 44 HIS 44 44 44 HIS HIS A . n 
A 1 45 TYR 45 45 45 TYR TYR A . n 
A 1 46 SER 46 46 46 SER SER A . n 
A 1 47 PRO 47 47 47 PRO PRO A . n 
A 1 48 SER 48 48 48 SER SER A . n 
A 1 49 ALA 49 49 49 ALA ALA A . n 
A 1 50 VAL 50 50 50 VAL VAL A . n 
A 1 51 ALA 51 51 51 ALA ALA A . n 
A 1 52 ARG 52 52 52 ARG ARG A . n 
A 1 53 SER 53 53 53 SER SER A . n 
A 1 54 LEU 54 54 54 LEU LEU A . n 
A 1 55 LYS 55 55 55 LYS LYS A . n 
A 1 56 VAL 56 56 56 VAL VAL A . n 
# 
_software.name             AMBER 
_software.classification   refinement 
_software.version          . 
_software.citation_id      ? 
_software.pdbx_ordinal     1 
# 
_cell.entry_id           1PRU 
_cell.length_a           1.000 
_cell.length_b           1.000 
_cell.length_c           1.000 
_cell.angle_alpha        90.00 
_cell.angle_beta         90.00 
_cell.angle_gamma        90.00 
_cell.Z_PDB              1 
_cell.pdbx_unique_axis   ? 
# 
_symmetry.entry_id                         1PRU 
_symmetry.space_group_name_H-M             'P 1' 
_symmetry.pdbx_full_space_group_name_H-M   ? 
_symmetry.cell_setting                     ? 
_symmetry.Int_Tables_number                1 
# 
_exptl.entry_id          1PRU 
_exptl.method            'SOLUTION NMR' 
_exptl.crystals_number   ? 
# 
_struct.entry_id                  1PRU 
_struct.title                     'PURINE REPRESSOR DNA-BINDING DOMAIN DNA BINDING' 
_struct.pdbx_model_details        ? 
_struct.pdbx_CASP_flag            ? 
_struct.pdbx_model_type_details   ? 
# 
_struct_keywords.entry_id        1PRU 
_struct_keywords.pdbx_keywords   'DNA BINDING PROTEIN' 
_struct_keywords.text            'PURINE REPRESSOR, DNA-BINDING PROTEIN, DNA BINDING PROTEIN' 
# 
_struct_asym.id                            A 
_struct_asym.pdbx_blank_PDB_chainid_flag   Y 
_struct_asym.pdbx_modified                 N 
_struct_asym.entity_id                     1 
_struct_asym.details                       ? 
# 
_struct_ref.id                         1 
_struct_ref.db_name                    UNP 
_struct_ref.db_code                    PURR_ECOLI 
_struct_ref.entity_id                  1 
_struct_ref.pdbx_db_accession          P0ACP7 
_struct_ref.pdbx_align_begin           1 
_struct_ref.pdbx_seq_one_letter_code   
;ATIKDVAKRANVSTTTVSHVINKTRFVAEETRNAVWAAIKELHYSPSAVARSLKVNHTKSIGLLATSSEAAYFAEIIEAV
EKNCFQKGYTLILGNAWNNLEKQRAYLSMMAQKRVDGLLVMCSEYPEPLLAMLEEYRHIPMVVMDWGEAKADFTDAVIDN
AFEGGYMAGRYLIERGHREIGVIPGPLERNTGAGRLAGFMKAMEEAMIKVPESWIVQGDFEPESGYRAMQQILSQPHRPT
AVFCGGDIMAMGALCAADEMGLRVPQDVSLIGYDNVRNARYFTPALTTIHQPKDSLGETAFNMLLDRIVNKREEPQSIEV
HPRLIERRSVADGPFRDYRR
;
_struct_ref.pdbx_db_isoform            ? 
# 
_struct_ref_seq.align_id                      1 
_struct_ref_seq.ref_id                        1 
_struct_ref_seq.pdbx_PDB_id_code              1PRU 
_struct_ref_seq.pdbx_strand_id                A 
_struct_ref_seq.seq_align_beg                 2 
_struct_ref_seq.pdbx_seq_align_beg_ins_code   ? 
_struct_ref_seq.seq_align_end                 56 
_struct_ref_seq.pdbx_seq_align_end_ins_code   ? 
_struct_ref_seq.pdbx_db_accession             P0ACP7 
_struct_ref_seq.db_align_beg                  1 
_struct_ref_seq.pdbx_db_align_beg_ins_code    ? 
_struct_ref_seq.db_align_end                  55 
_struct_ref_seq.pdbx_db_align_end_ins_code    ? 
_struct_ref_seq.pdbx_auth_seq_align_beg       2 
_struct_ref_seq.pdbx_auth_seq_align_end       56 
# 
_pdbx_struct_assembly.id                   1 
_pdbx_struct_assembly.details              author_defined_assembly 
_pdbx_struct_assembly.method_details       ? 
_pdbx_struct_assembly.oligomeric_details   monomeric 
_pdbx_struct_assembly.oligomeric_count     1 
# 
_pdbx_struct_assembly_gen.assembly_id       1 
_pdbx_struct_assembly_gen.oper_expression   1 
_pdbx_struct_assembly_gen.asym_id_list      A 
# 
_pdbx_struct_oper_list.id                   1 
_pdbx_struct_oper_list.type                 'identity operation' 
_pdbx_struct_oper_list.name                 1_555 
_pdbx_struct_oper_list.symmetry_operation   x,y,z 
_pdbx_struct_oper_list.matrix[1][1]         1.0000000000 
_pdbx_struct_oper_list.matrix[1][2]         0.0000000000 
_pdbx_struct_oper_list.matrix[1][3]         0.0000000000 
_pdbx_struct_oper_list.vector[1]            0.0000000000 
_pdbx_struct_oper_list.matrix[2][1]         0.0000000000 
_pdbx_struct_oper_list.matrix[2][2]         1.0000000000 
_pdbx_struct_oper_list.matrix[2][3]         0.0000000000 
_pdbx_struct_oper_list.vector[2]            0.0000000000 
_pdbx_struct_oper_list.matrix[3][1]         0.0000000000 
_pdbx_struct_oper_list.matrix[3][2]         0.0000000000 
_pdbx_struct_oper_list.matrix[3][3]         1.0000000000 
_pdbx_struct_oper_list.vector[3]            0.0000000000 
# 
_struct_biol.id        1 
_struct_biol.details   ? 
# 
loop_
_struct_conf.conf_type_id 
_struct_conf.id 
_struct_conf.pdbx_PDB_helix_id 
_struct_conf.beg_label_comp_id 
_struct_conf.beg_label_asym_id 
_struct_conf.beg_label_seq_id 
_struct_conf.pdbx_beg_PDB_ins_code 
_struct_conf.end_label_comp_id 
_struct_conf.end_label_asym_id 
_struct_conf.end_label_seq_id 
_struct_conf.pdbx_end_PDB_ins_code 
_struct_conf.beg_auth_comp_id 
_struct_conf.beg_auth_asym_id 
_struct_conf.beg_auth_seq_id 
_struct_conf.end_auth_comp_id 
_struct_conf.end_auth_asym_id 
_struct_conf.end_auth_seq_id 
_struct_conf.pdbx_PDB_helix_class 
_struct_conf.details 
_struct_conf.pdbx_PDB_helix_length 
HELX_P HELX_P1 H1 ILE A 4  ? ALA A 11 ? ILE A 4  ALA A 11 1 ? 8  
HELX_P HELX_P2 H2 THR A 15 ? ASN A 23 ? THR A 15 ASN A 23 1 ? 9  
HELX_P HELX_P3 H3 GLU A 30 ? GLU A 42 ? GLU A 30 GLU A 42 1 ? 13 
# 
_struct_conf_type.id          HELX_P 
_struct_conf_type.criteria    ? 
_struct_conf_type.reference   ? 
# 
loop_
_pdbx_validate_torsion.id 
_pdbx_validate_torsion.PDB_model_num 
_pdbx_validate_torsion.auth_comp_id 
_pdbx_validate_torsion.auth_asym_id 
_pdbx_validate_torsion.auth_seq_id 
_pdbx_validate_torsion.PDB_ins_code 
_pdbx_validate_torsion.label_alt_id 
_pdbx_validate_torsion.phi 
_pdbx_validate_torsion.psi 
1 1 ASN A 12 ? ? -154.49 -82.49  
2 1 VAL A 13 ? ? -141.68 -75.66  
3 1 THR A 25 ? ? -109.79 -78.72  
4 1 PHE A 27 ? ? -57.62  107.11  
5 1 TYR A 45 ? ? -37.92  127.84  
6 1 ALA A 49 ? ? -161.86 87.59   
7 1 ARG A 52 ? ? -166.36 -137.91 
8 1 SER A 53 ? ? -167.62 88.80   
9 1 LYS A 55 ? ? 61.17   -149.88 
# 
_pdbx_nmr_ensemble.entry_id                                      1PRU 
_pdbx_nmr_ensemble.conformers_calculated_total_number            ? 
_pdbx_nmr_ensemble.conformers_submitted_total_number             1 
_pdbx_nmr_ensemble.conformer_selection_criteria                  ? 
_pdbx_nmr_ensemble.average_constraints_per_residue               ? 
_pdbx_nmr_ensemble.average_constraint_violations_per_residue     ? 
_pdbx_nmr_ensemble.maximum_distance_constraint_violation         ? 
_pdbx_nmr_ensemble.average_distance_constraint_violation         ? 
_pdbx_nmr_ensemble.maximum_upper_distance_constraint_violation   ? 
_pdbx_nmr_ensemble.maximum_lower_distance_constraint_violation   ? 
_pdbx_nmr_ensemble.distance_constraint_violation_method          ? 
_pdbx_nmr_ensemble.maximum_torsion_angle_constraint_violation    ? 
_pdbx_nmr_ensemble.average_torsion_angle_constraint_violation    ? 
_pdbx_nmr_ensemble.torsion_angle_constraint_violation_method     ? 
# 
loop_
_pdbx_nmr_software.classification 
_pdbx_nmr_software.name 
_pdbx_nmr_software.version 
_pdbx_nmr_software.authors 
_pdbx_nmr_software.ordinal 
refinement EMBOSS ? NAKAI,KIDERA,NAKAMURA                1 
refinement PRESTO ? MORIKAMI,NAKAI,KIDERA,SAITO,NAKAMURA 2 
# 
loop_
_chem_comp_atom.comp_id 
_chem_comp_atom.atom_id 
_chem_comp_atom.type_symbol 
_chem_comp_atom.pdbx_aromatic_flag 
_chem_comp_atom.pdbx_stereo_config 
_chem_comp_atom.pdbx_ordinal 
ALA N    N N N 1   
ALA CA   C N S 2   
ALA C    C N N 3   
ALA O    O N N 4   
ALA CB   C N N 5   
ALA OXT  O N N 6   
ALA H    H N N 7   
ALA H2   H N N 8   
ALA HA   H N N 9   
ALA HB1  H N N 10  
ALA HB2  H N N 11  
ALA HB3  H N N 12  
ALA HXT  H N N 13  
ARG N    N N N 14  
ARG CA   C N S 15  
ARG C    C N N 16  
ARG O    O N N 17  
ARG CB   C N N 18  
ARG CG   C N N 19  
ARG CD   C N N 20  
ARG NE   N N N 21  
ARG CZ   C N N 22  
ARG NH1  N N N 23  
ARG NH2  N N N 24  
ARG OXT  O N N 25  
ARG H    H N N 26  
ARG H2   H N N 27  
ARG HA   H N N 28  
ARG HB2  H N N 29  
ARG HB3  H N N 30  
ARG HG2  H N N 31  
ARG HG3  H N N 32  
ARG HD2  H N N 33  
ARG HD3  H N N 34  
ARG HE   H N N 35  
ARG HH11 H N N 36  
ARG HH12 H N N 37  
ARG HH21 H N N 38  
ARG HH22 H N N 39  
ARG HXT  H N N 40  
ASN N    N N N 41  
ASN CA   C N S 42  
ASN C    C N N 43  
ASN O    O N N 44  
ASN CB   C N N 45  
ASN CG   C N N 46  
ASN OD1  O N N 47  
ASN ND2  N N N 48  
ASN OXT  O N N 49  
ASN H    H N N 50  
ASN H2   H N N 51  
ASN HA   H N N 52  
ASN HB2  H N N 53  
ASN HB3  H N N 54  
ASN HD21 H N N 55  
ASN HD22 H N N 56  
ASN HXT  H N N 57  
ASP N    N N N 58  
ASP CA   C N S 59  
ASP C    C N N 60  
ASP O    O N N 61  
ASP CB   C N N 62  
ASP CG   C N N 63  
ASP OD1  O N N 64  
ASP OD2  O N N 65  
ASP OXT  O N N 66  
ASP H    H N N 67  
ASP H2   H N N 68  
ASP HA   H N N 69  
ASP HB2  H N N 70  
ASP HB3  H N N 71  
ASP HD2  H N N 72  
ASP HXT  H N N 73  
GLU N    N N N 74  
GLU CA   C N S 75  
GLU C    C N N 76  
GLU O    O N N 77  
GLU CB   C N N 78  
GLU CG   C N N 79  
GLU CD   C N N 80  
GLU OE1  O N N 81  
GLU OE2  O N N 82  
GLU OXT  O N N 83  
GLU H    H N N 84  
GLU H2   H N N 85  
GLU HA   H N N 86  
GLU HB2  H N N 87  
GLU HB3  H N N 88  
GLU HG2  H N N 89  
GLU HG3  H N N 90  
GLU HE2  H N N 91  
GLU HXT  H N N 92  
HIS N    N N N 93  
HIS CA   C N S 94  
HIS C    C N N 95  
HIS O    O N N 96  
HIS CB   C N N 97  
HIS CG   C Y N 98  
HIS ND1  N Y N 99  
HIS CD2  C Y N 100 
HIS CE1  C Y N 101 
HIS NE2  N Y N 102 
HIS OXT  O N N 103 
HIS H    H N N 104 
HIS H2   H N N 105 
HIS HA   H N N 106 
HIS HB2  H N N 107 
HIS HB3  H N N 108 
HIS HD1  H N N 109 
HIS HD2  H N N 110 
HIS HE1  H N N 111 
HIS HE2  H N N 112 
HIS HXT  H N N 113 
ILE N    N N N 114 
ILE CA   C N S 115 
ILE C    C N N 116 
ILE O    O N N 117 
ILE CB   C N S 118 
ILE CG1  C N N 119 
ILE CG2  C N N 120 
ILE CD1  C N N 121 
ILE OXT  O N N 122 
ILE H    H N N 123 
ILE H2   H N N 124 
ILE HA   H N N 125 
ILE HB   H N N 126 
ILE HG12 H N N 127 
ILE HG13 H N N 128 
ILE HG21 H N N 129 
ILE HG22 H N N 130 
ILE HG23 H N N 131 
ILE HD11 H N N 132 
ILE HD12 H N N 133 
ILE HD13 H N N 134 
ILE HXT  H N N 135 
LEU N    N N N 136 
LEU CA   C N S 137 
LEU C    C N N 138 
LEU O    O N N 139 
LEU CB   C N N 140 
LEU CG   C N N 141 
LEU CD1  C N N 142 
LEU CD2  C N N 143 
LEU OXT  O N N 144 
LEU H    H N N 145 
LEU H2   H N N 146 
LEU HA   H N N 147 
LEU HB2  H N N 148 
LEU HB3  H N N 149 
LEU HG   H N N 150 
LEU HD11 H N N 151 
LEU HD12 H N N 152 
LEU HD13 H N N 153 
LEU HD21 H N N 154 
LEU HD22 H N N 155 
LEU HD23 H N N 156 
LEU HXT  H N N 157 
LYS N    N N N 158 
LYS CA   C N S 159 
LYS C    C N N 160 
LYS O    O N N 161 
LYS CB   C N N 162 
LYS CG   C N N 163 
LYS CD   C N N 164 
LYS CE   C N N 165 
LYS NZ   N N N 166 
LYS OXT  O N N 167 
LYS H    H N N 168 
LYS H2   H N N 169 
LYS HA   H N N 170 
LYS HB2  H N N 171 
LYS HB3  H N N 172 
LYS HG2  H N N 173 
LYS HG3  H N N 174 
LYS HD2  H N N 175 
LYS HD3  H N N 176 
LYS HE2  H N N 177 
LYS HE3  H N N 178 
LYS HZ1  H N N 179 
LYS HZ2  H N N 180 
LYS HZ3  H N N 181 
LYS HXT  H N N 182 
MET N    N N N 183 
MET CA   C N S 184 
MET C    C N N 185 
MET O    O N N 186 
MET CB   C N N 187 
MET CG   C N N 188 
MET SD   S N N 189 
MET CE   C N N 190 
MET OXT  O N N 191 
MET H    H N N 192 
MET H2   H N N 193 
MET HA   H N N 194 
MET HB2  H N N 195 
MET HB3  H N N 196 
MET HG2  H N N 197 
MET HG3  H N N 198 
MET HE1  H N N 199 
MET HE2  H N N 200 
MET HE3  H N N 201 
MET HXT  H N N 202 
PHE N    N N N 203 
PHE CA   C N S 204 
PHE C    C N N 205 
PHE O    O N N 206 
PHE CB   C N N 207 
PHE CG   C Y N 208 
PHE CD1  C Y N 209 
PHE CD2  C Y N 210 
PHE CE1  C Y N 211 
PHE CE2  C Y N 212 
PHE CZ   C Y N 213 
PHE OXT  O N N 214 
PHE H    H N N 215 
PHE H2   H N N 216 
PHE HA   H N N 217 
PHE HB2  H N N 218 
PHE HB3  H N N 219 
PHE HD1  H N N 220 
PHE HD2  H N N 221 
PHE HE1  H N N 222 
PHE HE2  H N N 223 
PHE HZ   H N N 224 
PHE HXT  H N N 225 
PRO N    N N N 226 
PRO CA   C N S 227 
PRO C    C N N 228 
PRO O    O N N 229 
PRO CB   C N N 230 
PRO CG   C N N 231 
PRO CD   C N N 232 
PRO OXT  O N N 233 
PRO H    H N N 234 
PRO HA   H N N 235 
PRO HB2  H N N 236 
PRO HB3  H N N 237 
PRO HG2  H N N 238 
PRO HG3  H N N 239 
PRO HD2  H N N 240 
PRO HD3  H N N 241 
PRO HXT  H N N 242 
SER N    N N N 243 
SER CA   C N S 244 
SER C    C N N 245 
SER O    O N N 246 
SER CB   C N N 247 
SER OG   O N N 248 
SER OXT  O N N 249 
SER H    H N N 250 
SER H2   H N N 251 
SER HA   H N N 252 
SER HB2  H N N 253 
SER HB3  H N N 254 
SER HG   H N N 255 
SER HXT  H N N 256 
THR N    N N N 257 
THR CA   C N S 258 
THR C    C N N 259 
THR O    O N N 260 
THR CB   C N R 261 
THR OG1  O N N 262 
THR CG2  C N N 263 
THR OXT  O N N 264 
THR H    H N N 265 
THR H2   H N N 266 
THR HA   H N N 267 
THR HB   H N N 268 
THR HG1  H N N 269 
THR HG21 H N N 270 
THR HG22 H N N 271 
THR HG23 H N N 272 
THR HXT  H N N 273 
TRP N    N N N 274 
TRP CA   C N S 275 
TRP C    C N N 276 
TRP O    O N N 277 
TRP CB   C N N 278 
TRP CG   C Y N 279 
TRP CD1  C Y N 280 
TRP CD2  C Y N 281 
TRP NE1  N Y N 282 
TRP CE2  C Y N 283 
TRP CE3  C Y N 284 
TRP CZ2  C Y N 285 
TRP CZ3  C Y N 286 
TRP CH2  C Y N 287 
TRP OXT  O N N 288 
TRP H    H N N 289 
TRP H2   H N N 290 
TRP HA   H N N 291 
TRP HB2  H N N 292 
TRP HB3  H N N 293 
TRP HD1  H N N 294 
TRP HE1  H N N 295 
TRP HE3  H N N 296 
TRP HZ2  H N N 297 
TRP HZ3  H N N 298 
TRP HH2  H N N 299 
TRP HXT  H N N 300 
TYR N    N N N 301 
TYR CA   C N S 302 
TYR C    C N N 303 
TYR O    O N N 304 
TYR CB   C N N 305 
TYR CG   C Y N 306 
TYR CD1  C Y N 307 
TYR CD2  C Y N 308 
TYR CE1  C Y N 309 
TYR CE2  C Y N 310 
TYR CZ   C Y N 311 
TYR OH   O N N 312 
TYR OXT  O N N 313 
TYR H    H N N 314 
TYR H2   H N N 315 
TYR HA   H N N 316 
TYR HB2  H N N 317 
TYR HB3  H N N 318 
TYR HD1  H N N 319 
TYR HD2  H N N 320 
TYR HE1  H N N 321 
TYR HE2  H N N 322 
TYR HH   H N N 323 
TYR HXT  H N N 324 
VAL N    N N N 325 
VAL CA   C N S 326 
VAL C    C N N 327 
VAL O    O N N 328 
VAL CB   C N N 329 
VAL CG1  C N N 330 
VAL CG2  C N N 331 
VAL OXT  O N N 332 
VAL H    H N N 333 
VAL H2   H N N 334 
VAL HA   H N N 335 
VAL HB   H N N 336 
VAL HG11 H N N 337 
VAL HG12 H N N 338 
VAL HG13 H N N 339 
VAL HG21 H N N 340 
VAL HG22 H N N 341 
VAL HG23 H N N 342 
VAL HXT  H N N 343 
# 
loop_
_chem_comp_bond.comp_id 
_chem_comp_bond.atom_id_1 
_chem_comp_bond.atom_id_2 
_chem_comp_bond.value_order 
_chem_comp_bond.pdbx_aromatic_flag 
_chem_comp_bond.pdbx_stereo_config 
_chem_comp_bond.pdbx_ordinal 
ALA N   CA   sing N N 1   
ALA N   H    sing N N 2   
ALA N   H2   sing N N 3   
ALA CA  C    sing N N 4   
ALA CA  CB   sing N N 5   
ALA CA  HA   sing N N 6   
ALA C   O    doub N N 7   
ALA C   OXT  sing N N 8   
ALA CB  HB1  sing N N 9   
ALA CB  HB2  sing N N 10  
ALA CB  HB3  sing N N 11  
ALA OXT HXT  sing N N 12  
ARG N   CA   sing N N 13  
ARG N   H    sing N N 14  
ARG N   H2   sing N N 15  
ARG CA  C    sing N N 16  
ARG CA  CB   sing N N 17  
ARG CA  HA   sing N N 18  
ARG C   O    doub N N 19  
ARG C   OXT  sing N N 20  
ARG CB  CG   sing N N 21  
ARG CB  HB2  sing N N 22  
ARG CB  HB3  sing N N 23  
ARG CG  CD   sing N N 24  
ARG CG  HG2  sing N N 25  
ARG CG  HG3  sing N N 26  
ARG CD  NE   sing N N 27  
ARG CD  HD2  sing N N 28  
ARG CD  HD3  sing N N 29  
ARG NE  CZ   sing N N 30  
ARG NE  HE   sing N N 31  
ARG CZ  NH1  sing N N 32  
ARG CZ  NH2  doub N N 33  
ARG NH1 HH11 sing N N 34  
ARG NH1 HH12 sing N N 35  
ARG NH2 HH21 sing N N 36  
ARG NH2 HH22 sing N N 37  
ARG OXT HXT  sing N N 38  
ASN N   CA   sing N N 39  
ASN N   H    sing N N 40  
ASN N   H2   sing N N 41  
ASN CA  C    sing N N 42  
ASN CA  CB   sing N N 43  
ASN CA  HA   sing N N 44  
ASN C   O    doub N N 45  
ASN C   OXT  sing N N 46  
ASN CB  CG   sing N N 47  
ASN CB  HB2  sing N N 48  
ASN CB  HB3  sing N N 49  
ASN CG  OD1  doub N N 50  
ASN CG  ND2  sing N N 51  
ASN ND2 HD21 sing N N 52  
ASN ND2 HD22 sing N N 53  
ASN OXT HXT  sing N N 54  
ASP N   CA   sing N N 55  
ASP N   H    sing N N 56  
ASP N   H2   sing N N 57  
ASP CA  C    sing N N 58  
ASP CA  CB   sing N N 59  
ASP CA  HA   sing N N 60  
ASP C   O    doub N N 61  
ASP C   OXT  sing N N 62  
ASP CB  CG   sing N N 63  
ASP CB  HB2  sing N N 64  
ASP CB  HB3  sing N N 65  
ASP CG  OD1  doub N N 66  
ASP CG  OD2  sing N N 67  
ASP OD2 HD2  sing N N 68  
ASP OXT HXT  sing N N 69  
GLU N   CA   sing N N 70  
GLU N   H    sing N N 71  
GLU N   H2   sing N N 72  
GLU CA  C    sing N N 73  
GLU CA  CB   sing N N 74  
GLU CA  HA   sing N N 75  
GLU C   O    doub N N 76  
GLU C   OXT  sing N N 77  
GLU CB  CG   sing N N 78  
GLU CB  HB2  sing N N 79  
GLU CB  HB3  sing N N 80  
GLU CG  CD   sing N N 81  
GLU CG  HG2  sing N N 82  
GLU CG  HG3  sing N N 83  
GLU CD  OE1  doub N N 84  
GLU CD  OE2  sing N N 85  
GLU OE2 HE2  sing N N 86  
GLU OXT HXT  sing N N 87  
HIS N   CA   sing N N 88  
HIS N   H    sing N N 89  
HIS N   H2   sing N N 90  
HIS CA  C    sing N N 91  
HIS CA  CB   sing N N 92  
HIS CA  HA   sing N N 93  
HIS C   O    doub N N 94  
HIS C   OXT  sing N N 95  
HIS CB  CG   sing N N 96  
HIS CB  HB2  sing N N 97  
HIS CB  HB3  sing N N 98  
HIS CG  ND1  sing Y N 99  
HIS CG  CD2  doub Y N 100 
HIS ND1 CE1  doub Y N 101 
HIS ND1 HD1  sing N N 102 
HIS CD2 NE2  sing Y N 103 
HIS CD2 HD2  sing N N 104 
HIS CE1 NE2  sing Y N 105 
HIS CE1 HE1  sing N N 106 
HIS NE2 HE2  sing N N 107 
HIS OXT HXT  sing N N 108 
ILE N   CA   sing N N 109 
ILE N   H    sing N N 110 
ILE N   H2   sing N N 111 
ILE CA  C    sing N N 112 
ILE CA  CB   sing N N 113 
ILE CA  HA   sing N N 114 
ILE C   O    doub N N 115 
ILE C   OXT  sing N N 116 
ILE CB  CG1  sing N N 117 
ILE CB  CG2  sing N N 118 
ILE CB  HB   sing N N 119 
ILE CG1 CD1  sing N N 120 
ILE CG1 HG12 sing N N 121 
ILE CG1 HG13 sing N N 122 
ILE CG2 HG21 sing N N 123 
ILE CG2 HG22 sing N N 124 
ILE CG2 HG23 sing N N 125 
ILE CD1 HD11 sing N N 126 
ILE CD1 HD12 sing N N 127 
ILE CD1 HD13 sing N N 128 
ILE OXT HXT  sing N N 129 
LEU N   CA   sing N N 130 
LEU N   H    sing N N 131 
LEU N   H2   sing N N 132 
LEU CA  C    sing N N 133 
LEU CA  CB   sing N N 134 
LEU CA  HA   sing N N 135 
LEU C   O    doub N N 136 
LEU C   OXT  sing N N 137 
LEU CB  CG   sing N N 138 
LEU CB  HB2  sing N N 139 
LEU CB  HB3  sing N N 140 
LEU CG  CD1  sing N N 141 
LEU CG  CD2  sing N N 142 
LEU CG  HG   sing N N 143 
LEU CD1 HD11 sing N N 144 
LEU CD1 HD12 sing N N 145 
LEU CD1 HD13 sing N N 146 
LEU CD2 HD21 sing N N 147 
LEU CD2 HD22 sing N N 148 
LEU CD2 HD23 sing N N 149 
LEU OXT HXT  sing N N 150 
LYS N   CA   sing N N 151 
LYS N   H    sing N N 152 
LYS N   H2   sing N N 153 
LYS CA  C    sing N N 154 
LYS CA  CB   sing N N 155 
LYS CA  HA   sing N N 156 
LYS C   O    doub N N 157 
LYS C   OXT  sing N N 158 
LYS CB  CG   sing N N 159 
LYS CB  HB2  sing N N 160 
LYS CB  HB3  sing N N 161 
LYS CG  CD   sing N N 162 
LYS CG  HG2  sing N N 163 
LYS CG  HG3  sing N N 164 
LYS CD  CE   sing N N 165 
LYS CD  HD2  sing N N 166 
LYS CD  HD3  sing N N 167 
LYS CE  NZ   sing N N 168 
LYS CE  HE2  sing N N 169 
LYS CE  HE3  sing N N 170 
LYS NZ  HZ1  sing N N 171 
LYS NZ  HZ2  sing N N 172 
LYS NZ  HZ3  sing N N 173 
LYS OXT HXT  sing N N 174 
MET N   CA   sing N N 175 
MET N   H    sing N N 176 
MET N   H2   sing N N 177 
MET CA  C    sing N N 178 
MET CA  CB   sing N N 179 
MET CA  HA   sing N N 180 
MET C   O    doub N N 181 
MET C   OXT  sing N N 182 
MET CB  CG   sing N N 183 
MET CB  HB2  sing N N 184 
MET CB  HB3  sing N N 185 
MET CG  SD   sing N N 186 
MET CG  HG2  sing N N 187 
MET CG  HG3  sing N N 188 
MET SD  CE   sing N N 189 
MET CE  HE1  sing N N 190 
MET CE  HE2  sing N N 191 
MET CE  HE3  sing N N 192 
MET OXT HXT  sing N N 193 
PHE N   CA   sing N N 194 
PHE N   H    sing N N 195 
PHE N   H2   sing N N 196 
PHE CA  C    sing N N 197 
PHE CA  CB   sing N N 198 
PHE CA  HA   sing N N 199 
PHE C   O    doub N N 200 
PHE C   OXT  sing N N 201 
PHE CB  CG   sing N N 202 
PHE CB  HB2  sing N N 203 
PHE CB  HB3  sing N N 204 
PHE CG  CD1  doub Y N 205 
PHE CG  CD2  sing Y N 206 
PHE CD1 CE1  sing Y N 207 
PHE CD1 HD1  sing N N 208 
PHE CD2 CE2  doub Y N 209 
PHE CD2 HD2  sing N N 210 
PHE CE1 CZ   doub Y N 211 
PHE CE1 HE1  sing N N 212 
PHE CE2 CZ   sing Y N 213 
PHE CE2 HE2  sing N N 214 
PHE CZ  HZ   sing N N 215 
PHE OXT HXT  sing N N 216 
PRO N   CA   sing N N 217 
PRO N   CD   sing N N 218 
PRO N   H    sing N N 219 
PRO CA  C    sing N N 220 
PRO CA  CB   sing N N 221 
PRO CA  HA   sing N N 222 
PRO C   O    doub N N 223 
PRO C   OXT  sing N N 224 
PRO CB  CG   sing N N 225 
PRO CB  HB2  sing N N 226 
PRO CB  HB3  sing N N 227 
PRO CG  CD   sing N N 228 
PRO CG  HG2  sing N N 229 
PRO CG  HG3  sing N N 230 
PRO CD  HD2  sing N N 231 
PRO CD  HD3  sing N N 232 
PRO OXT HXT  sing N N 233 
SER N   CA   sing N N 234 
SER N   H    sing N N 235 
SER N   H2   sing N N 236 
SER CA  C    sing N N 237 
SER CA  CB   sing N N 238 
SER CA  HA   sing N N 239 
SER C   O    doub N N 240 
SER C   OXT  sing N N 241 
SER CB  OG   sing N N 242 
SER CB  HB2  sing N N 243 
SER CB  HB3  sing N N 244 
SER OG  HG   sing N N 245 
SER OXT HXT  sing N N 246 
THR N   CA   sing N N 247 
THR N   H    sing N N 248 
THR N   H2   sing N N 249 
THR CA  C    sing N N 250 
THR CA  CB   sing N N 251 
THR CA  HA   sing N N 252 
THR C   O    doub N N 253 
THR C   OXT  sing N N 254 
THR CB  OG1  sing N N 255 
THR CB  CG2  sing N N 256 
THR CB  HB   sing N N 257 
THR OG1 HG1  sing N N 258 
THR CG2 HG21 sing N N 259 
THR CG2 HG22 sing N N 260 
THR CG2 HG23 sing N N 261 
THR OXT HXT  sing N N 262 
TRP N   CA   sing N N 263 
TRP N   H    sing N N 264 
TRP N   H2   sing N N 265 
TRP CA  C    sing N N 266 
TRP CA  CB   sing N N 267 
TRP CA  HA   sing N N 268 
TRP C   O    doub N N 269 
TRP C   OXT  sing N N 270 
TRP CB  CG   sing N N 271 
TRP CB  HB2  sing N N 272 
TRP CB  HB3  sing N N 273 
TRP CG  CD1  doub Y N 274 
TRP CG  CD2  sing Y N 275 
TRP CD1 NE1  sing Y N 276 
TRP CD1 HD1  sing N N 277 
TRP CD2 CE2  doub Y N 278 
TRP CD2 CE3  sing Y N 279 
TRP NE1 CE2  sing Y N 280 
TRP NE1 HE1  sing N N 281 
TRP CE2 CZ2  sing Y N 282 
TRP CE3 CZ3  doub Y N 283 
TRP CE3 HE3  sing N N 284 
TRP CZ2 CH2  doub Y N 285 
TRP CZ2 HZ2  sing N N 286 
TRP CZ3 CH2  sing Y N 287 
TRP CZ3 HZ3  sing N N 288 
TRP CH2 HH2  sing N N 289 
TRP OXT HXT  sing N N 290 
TYR N   CA   sing N N 291 
TYR N   H    sing N N 292 
TYR N   H2   sing N N 293 
TYR CA  C    sing N N 294 
TYR CA  CB   sing N N 295 
TYR CA  HA   sing N N 296 
TYR C   O    doub N N 297 
TYR C   OXT  sing N N 298 
TYR CB  CG   sing N N 299 
TYR CB  HB2  sing N N 300 
TYR CB  HB3  sing N N 301 
TYR CG  CD1  doub Y N 302 
TYR CG  CD2  sing Y N 303 
TYR CD1 CE1  sing Y N 304 
TYR CD1 HD1  sing N N 305 
TYR CD2 CE2  doub Y N 306 
TYR CD2 HD2  sing N N 307 
TYR CE1 CZ   doub Y N 308 
TYR CE1 HE1  sing N N 309 
TYR CE2 CZ   sing Y N 310 
TYR CE2 HE2  sing N N 311 
TYR CZ  OH   sing N N 312 
TYR OH  HH   sing N N 313 
TYR OXT HXT  sing N N 314 
VAL N   CA   sing N N 315 
VAL N   H    sing N N 316 
VAL N   H2   sing N N 317 
VAL CA  C    sing N N 318 
VAL CA  CB   sing N N 319 
VAL CA  HA   sing N N 320 
VAL C   O    doub N N 321 
VAL C   OXT  sing N N 322 
VAL CB  CG1  sing N N 323 
VAL CB  CG2  sing N N 324 
VAL CB  HB   sing N N 325 
VAL CG1 HG11 sing N N 326 
VAL CG1 HG12 sing N N 327 
VAL CG1 HG13 sing N N 328 
VAL CG2 HG21 sing N N 329 
VAL CG2 HG22 sing N N 330 
VAL CG2 HG23 sing N N 331 
VAL OXT HXT  sing N N 332 
# 
_atom_sites.entry_id                    1PRU 
_atom_sites.fract_transf_matrix[1][1]   1.000000 
_atom_sites.fract_transf_matrix[1][2]   0.000000 
_atom_sites.fract_transf_matrix[1][3]   0.000000 
_atom_sites.fract_transf_matrix[2][1]   0.000000 
_atom_sites.fract_transf_matrix[2][2]   1.000000 
_atom_sites.fract_transf_matrix[2][3]   0.000000 
_atom_sites.fract_transf_matrix[3][1]   0.000000 
_atom_sites.fract_transf_matrix[3][2]   0.000000 
_atom_sites.fract_transf_matrix[3][3]   1.000000 
_atom_sites.fract_transf_vector[1]      0.00000 
_atom_sites.fract_transf_vector[2]      0.00000 
_atom_sites.fract_transf_vector[3]      0.00000 
# 
loop_
_atom_type.symbol 
C 
H 
N 
O 
S 
# 
loop_
_atom_site.group_PDB 
_atom_site.id 
_atom_site.type_symbol 
_atom_site.label_atom_id 
_atom_site.label_alt_id 
_atom_site.label_comp_id 
_atom_site.label_asym_id 
_atom_site.label_entity_id 
_atom_site.label_seq_id 
_atom_site.pdbx_PDB_ins_code 
_atom_site.Cartn_x 
_atom_site.Cartn_y 
_atom_site.Cartn_z 
_atom_site.occupancy 
_atom_site.B_iso_or_equiv 
_atom_site.pdbx_formal_charge 
_atom_site.auth_seq_id 
_atom_site.auth_comp_id 
_atom_site.auth_asym_id 
_atom_site.auth_atom_id 
_atom_site.pdbx_PDB_model_num 
ATOM 1   N N    . MET A 1 1  ? 8.211   8.249   5.645   1.00 0.00 ? 1  MET A N    1 
ATOM 2   C CA   . MET A 1 1  ? 9.137   7.358   4.925   1.00 0.00 ? 1  MET A CA   1 
ATOM 3   C C    . MET A 1 1  ? 8.384   6.594   3.832   1.00 0.00 ? 1  MET A C    1 
ATOM 4   O O    . MET A 1 1  ? 7.169   6.441   3.909   1.00 0.00 ? 1  MET A O    1 
ATOM 5   C CB   . MET A 1 1  ? 9.805   6.386   5.914   1.00 0.00 ? 1  MET A CB   1 
ATOM 6   C CG   . MET A 1 1  ? 11.161  5.906   5.372   1.00 0.00 ? 1  MET A CG   1 
ATOM 7   S SD   . MET A 1 1  ? 12.405  7.215   5.187   1.00 0.00 ? 1  MET A SD   1 
ATOM 8   C CE   . MET A 1 1  ? 12.718  7.582   6.932   1.00 0.00 ? 1  MET A CE   1 
ATOM 9   H H1   . MET A 1 1  ? 7.723   8.834   4.982   1.00 0.00 ? 1  MET A H1   1 
ATOM 10  H H2   . MET A 1 1  ? 7.537   7.692   6.161   1.00 0.00 ? 1  MET A H2   1 
ATOM 11  H H3   . MET A 1 1  ? 8.730   8.827   6.287   1.00 0.00 ? 1  MET A H3   1 
ATOM 12  H HA   . MET A 1 1  ? 9.906   7.969   4.456   1.00 0.00 ? 1  MET A HA   1 
ATOM 13  H HB2  . MET A 1 1  ? 9.959   6.890   6.866   1.00 0.00 ? 1  MET A HB2  1 
ATOM 14  H HB3  . MET A 1 1  ? 9.155   5.524   6.067   1.00 0.00 ? 1  MET A HB3  1 
ATOM 15  H HG2  . MET A 1 1  ? 11.556  5.152   6.053   1.00 0.00 ? 1  MET A HG2  1 
ATOM 16  H HG3  . MET A 1 1  ? 11.004  5.444   4.401   1.00 0.00 ? 1  MET A HG3  1 
ATOM 17  H HE1  . MET A 1 1  ? 13.002  6.667   7.451   1.00 0.00 ? 1  MET A HE1  1 
ATOM 18  H HE2  . MET A 1 1  ? 13.528  8.308   7.009   1.00 0.00 ? 1  MET A HE2  1 
ATOM 19  H HE3  . MET A 1 1  ? 11.818  7.995   7.386   1.00 0.00 ? 1  MET A HE3  1 
ATOM 20  N N    . ALA A 1 2  ? 9.107   6.122   2.812   1.00 0.00 ? 2  ALA A N    1 
ATOM 21  C CA   . ALA A 1 2  ? 8.504   5.390   1.707   1.00 0.00 ? 2  ALA A CA   1 
ATOM 22  C C    . ALA A 1 2  ? 8.409   3.902   2.052   1.00 0.00 ? 2  ALA A C    1 
ATOM 23  O O    . ALA A 1 2  ? 9.012   3.068   1.374   1.00 0.00 ? 2  ALA A O    1 
ATOM 24  C CB   . ALA A 1 2  ? 9.348   5.604   0.451   1.00 0.00 ? 2  ALA A CB   1 
ATOM 25  H H    . ALA A 1 2  ? 10.105  6.274   2.794   1.00 0.00 ? 2  ALA A H    1 
ATOM 26  H HA   . ALA A 1 2  ? 7.500   5.776   1.527   1.00 0.00 ? 2  ALA A HA   1 
ATOM 27  H HB1  . ALA A 1 2  ? 10.363  5.243   0.626   1.00 0.00 ? 2  ALA A HB1  1 
ATOM 28  H HB2  . ALA A 1 2  ? 8.908   5.057   -0.380  1.00 0.00 ? 2  ALA A HB2  1 
ATOM 29  H HB3  . ALA A 1 2  ? 9.378   6.667   0.210   1.00 0.00 ? 2  ALA A HB3  1 
ATOM 30  N N    . THR A 1 3  ? 7.646   3.569   3.107   1.00 0.00 ? 3  THR A N    1 
ATOM 31  C CA   . THR A 1 3  ? 7.474   2.182   3.534   1.00 0.00 ? 3  THR A CA   1 
ATOM 32  C C    . THR A 1 3  ? 5.988   1.877   3.727   1.00 0.00 ? 3  THR A C    1 
ATOM 33  O O    . THR A 1 3  ? 5.161   2.789   3.780   1.00 0.00 ? 3  THR A O    1 
ATOM 34  C CB   . THR A 1 3  ? 8.253   1.924   4.834   1.00 0.00 ? 3  THR A CB   1 
ATOM 35  O OG1  . THR A 1 3  ? 7.593   2.531   5.922   1.00 0.00 ? 3  THR A OG1  1 
ATOM 36  C CG2  . THR A 1 3  ? 9.674   2.483   4.721   1.00 0.00 ? 3  THR A CG2  1 
ATOM 37  H H    . THR A 1 3  ? 7.169   4.294   3.629   1.00 0.00 ? 3  THR A H    1 
ATOM 38  H HA   . THR A 1 3  ? 7.865   1.521   2.760   1.00 0.00 ? 3  THR A HA   1 
ATOM 39  H HB   . THR A 1 3  ? 8.308   0.849   5.008   1.00 0.00 ? 3  THR A HB   1 
ATOM 40  H HG1  . THR A 1 3  ? 7.475   3.475   5.736   1.00 0.00 ? 3  THR A HG1  1 
ATOM 41  H HG21 . THR A 1 3  ? 10.146  2.098   3.815   1.00 0.00 ? 3  THR A HG21 1 
ATOM 42  H HG22 . THR A 1 3  ? 9.638   3.569   4.678   1.00 0.00 ? 3  THR A HG22 1 
ATOM 43  H HG23 . THR A 1 3  ? 10.255  2.173   5.590   1.00 0.00 ? 3  THR A HG23 1 
ATOM 44  N N    . ILE A 1 4  ? 5.657   0.583   3.836   1.00 0.00 ? 4  ILE A N    1 
ATOM 45  C CA   . ILE A 1 4  ? 4.280   0.139   4.021   1.00 0.00 ? 4  ILE A CA   1 
ATOM 46  C C    . ILE A 1 4  ? 3.705   0.727   5.315   1.00 0.00 ? 4  ILE A C    1 
ATOM 47  O O    . ILE A 1 4  ? 2.493   0.880   5.444   1.00 0.00 ? 4  ILE A O    1 
ATOM 48  C CB   . ILE A 1 4  ? 4.245   -1.399  4.039   1.00 0.00 ? 4  ILE A CB   1 
ATOM 49  C CG1  . ILE A 1 4  ? 2.791   -1.881  3.901   1.00 0.00 ? 4  ILE A CG1  1 
ATOM 50  C CG2  . ILE A 1 4  ? 4.853   -1.929  5.346   1.00 0.00 ? 4  ILE A CG2  1 
ATOM 51  C CD1  . ILE A 1 4  ? 2.757   -3.397  3.694   1.00 0.00 ? 4  ILE A CD1  1 
ATOM 52  H H    . ILE A 1 4  ? 6.380   -0.119  3.788   1.00 0.00 ? 4  ILE A H    1 
ATOM 53  H HA   . ILE A 1 4  ? 3.688   0.490   3.179   1.00 0.00 ? 4  ILE A HA   1 
ATOM 54  H HB   . ILE A 1 4  ? 4.825   -1.775  3.198   1.00 0.00 ? 4  ILE A HB   1 
ATOM 55  H HG12 . ILE A 1 4  ? 2.235   -1.628  4.802   1.00 0.00 ? 4  ILE A HG12 1 
ATOM 56  H HG13 . ILE A 1 4  ? 2.330   -1.393  3.043   1.00 0.00 ? 4  ILE A HG13 1 
ATOM 57  H HG21 . ILE A 1 4  ? 5.801   -1.430  5.538   1.00 0.00 ? 4  ILE A HG21 1 
ATOM 58  H HG22 . ILE A 1 4  ? 4.169   -1.740  6.174   1.00 0.00 ? 4  ILE A HG22 1 
ATOM 59  H HG23 . ILE A 1 4  ? 5.023   -3.002  5.259   1.00 0.00 ? 4  ILE A HG23 1 
ATOM 60  H HD11 . ILE A 1 4  ? 3.414   -3.667  2.867   1.00 0.00 ? 4  ILE A HD11 1 
ATOM 61  H HD12 . ILE A 1 4  ? 3.090   -3.898  4.602   1.00 0.00 ? 4  ILE A HD12 1 
ATOM 62  H HD13 . ILE A 1 4  ? 1.738   -3.708  3.463   1.00 0.00 ? 4  ILE A HD13 1 
ATOM 63  N N    . LYS A 1 5  ? 4.585   1.054   6.268   1.00 0.00 ? 5  LYS A N    1 
ATOM 64  C CA   . LYS A 1 5  ? 4.186   1.615   7.548   1.00 0.00 ? 5  LYS A CA   1 
ATOM 65  C C    . LYS A 1 5  ? 3.432   2.923   7.334   1.00 0.00 ? 5  LYS A C    1 
ATOM 66  O O    . LYS A 1 5  ? 2.257   3.037   7.682   1.00 0.00 ? 5  LYS A O    1 
ATOM 67  C CB   . LYS A 1 5  ? 5.441   1.860   8.390   1.00 0.00 ? 5  LYS A CB   1 
ATOM 68  C CG   . LYS A 1 5  ? 6.182   0.539   8.619   1.00 0.00 ? 5  LYS A CG   1 
ATOM 69  C CD   . LYS A 1 5  ? 7.356   0.768   9.574   1.00 0.00 ? 5  LYS A CD   1 
ATOM 70  C CE   . LYS A 1 5  ? 8.122   -0.543  9.771   1.00 0.00 ? 5  LYS A CE   1 
ATOM 71  N NZ   . LYS A 1 5  ? 9.266   -0.359  10.682  1.00 0.00 ? 5  LYS A NZ   1 
ATOM 72  H H    . LYS A 1 5  ? 5.569   0.907   6.100   1.00 0.00 ? 5  LYS A H    1 
ATOM 73  H HA   . LYS A 1 5  ? 3.538   0.907   8.065   1.00 0.00 ? 5  LYS A HA   1 
ATOM 74  H HB2  . LYS A 1 5  ? 6.097   2.556   7.872   1.00 0.00 ? 5  LYS A HB2  1 
ATOM 75  H HB3  . LYS A 1 5  ? 5.152   2.290   9.344   1.00 0.00 ? 5  LYS A HB3  1 
ATOM 76  H HG2  . LYS A 1 5  ? 5.498   -0.193  9.048   1.00 0.00 ? 5  LYS A HG2  1 
ATOM 77  H HG3  . LYS A 1 5  ? 6.561   0.166   7.663   1.00 0.00 ? 5  LYS A HG3  1 
ATOM 78  H HD2  . LYS A 1 5  ? 8.024   1.521   9.153   1.00 0.00 ? 5  LYS A HD2  1 
ATOM 79  H HD3  . LYS A 1 5  ? 6.977   1.117   10.536  1.00 0.00 ? 5  LYS A HD3  1 
ATOM 80  H HE2  . LYS A 1 5  ? 7.449   -1.293  10.189  1.00 0.00 ? 5  LYS A HE2  1 
ATOM 81  H HE3  . LYS A 1 5  ? 8.488   -0.893  8.804   1.00 0.00 ? 5  LYS A HE3  1 
ATOM 82  H HZ1  . LYS A 1 5  ? 8.934   -0.034  11.579  1.00 0.00 ? 5  LYS A HZ1  1 
ATOM 83  H HZ2  . LYS A 1 5  ? 9.748   -1.240  10.801  1.00 0.00 ? 5  LYS A HZ2  1 
ATOM 84  H HZ3  . LYS A 1 5  ? 9.902   0.322   10.292  1.00 0.00 ? 5  LYS A HZ3  1 
ATOM 85  N N    . ASP A 1 6  ? 4.122   3.908   6.765   1.00 0.00 ? 6  ASP A N    1 
ATOM 86  C CA   . ASP A 1 6  ? 3.547   5.216   6.481   1.00 0.00 ? 6  ASP A CA   1 
ATOM 87  C C    . ASP A 1 6  ? 2.338   5.066   5.557   1.00 0.00 ? 6  ASP A C    1 
ATOM 88  O O    . ASP A 1 6  ? 1.284   5.655   5.804   1.00 0.00 ? 6  ASP A O    1 
ATOM 89  C CB   . ASP A 1 6  ? 4.608   6.102   5.814   1.00 0.00 ? 6  ASP A CB   1 
ATOM 90  C CG   . ASP A 1 6  ? 5.946   6.026   6.542   1.00 0.00 ? 6  ASP A CG   1 
ATOM 91  O OD1  . ASP A 1 6  ? 6.597   4.963   6.431   1.00 0.00 ? 6  ASP A OD1  1 
ATOM 92  O OD2  . ASP A 1 6  ? 6.299   7.034   7.191   1.00 0.00 ? 6  ASP A OD2  1 
ATOM 93  H H    . ASP A 1 6  ? 5.092   3.751   6.518   1.00 0.00 ? 6  ASP A H    1 
ATOM 94  H HA   . ASP A 1 6  ? 3.230   5.679   7.416   1.00 0.00 ? 6  ASP A HA   1 
ATOM 95  H HB2  . ASP A 1 6  ? 4.750   5.775   4.784   1.00 0.00 ? 6  ASP A HB2  1 
ATOM 96  H HB3  . ASP A 1 6  ? 4.260   7.135   5.813   1.00 0.00 ? 6  ASP A HB3  1 
ATOM 97  N N    . VAL A 1 7  ? 2.506   4.278   4.490   1.00 0.00 ? 7  VAL A N    1 
ATOM 98  C CA   . VAL A 1 7  ? 1.458   4.049   3.504   1.00 0.00 ? 7  VAL A CA   1 
ATOM 99  C C    . VAL A 1 7  ? 0.170   3.584   4.178   1.00 0.00 ? 7  VAL A C    1 
ATOM 100 O O    . VAL A 1 7  ? -0.902  4.075   3.852   1.00 0.00 ? 7  VAL A O    1 
ATOM 101 C CB   . VAL A 1 7  ? 1.953   3.004   2.497   1.00 0.00 ? 7  VAL A CB   1 
ATOM 102 C CG1  . VAL A 1 7  ? 0.789   2.483   1.652   1.00 0.00 ? 7  VAL A CG1  1 
ATOM 103 C CG2  . VAL A 1 7  ? 3.000   3.633   1.574   1.00 0.00 ? 7  VAL A CG2  1 
ATOM 104 H H    . VAL A 1 7  ? 3.398   3.818   4.349   1.00 0.00 ? 7  VAL A H    1 
ATOM 105 H HA   . VAL A 1 7  ? 1.258   4.979   2.978   1.00 0.00 ? 7  VAL A HA   1 
ATOM 106 H HB   . VAL A 1 7  ? 2.402   2.175   3.035   1.00 0.00 ? 7  VAL A HB   1 
ATOM 107 H HG11 . VAL A 1 7  ? 0.262   3.321   1.198   1.00 0.00 ? 7  VAL A HG11 1 
ATOM 108 H HG12 . VAL A 1 7  ? 1.179   1.835   0.871   1.00 0.00 ? 7  VAL A HG12 1 
ATOM 109 H HG13 . VAL A 1 7  ? 0.103   1.916   2.280   1.00 0.00 ? 7  VAL A HG13 1 
ATOM 110 H HG21 . VAL A 1 7  ? 3.758   4.140   2.169   1.00 0.00 ? 7  VAL A HG21 1 
ATOM 111 H HG22 . VAL A 1 7  ? 3.471   2.853   0.978   1.00 0.00 ? 7  VAL A HG22 1 
ATOM 112 H HG23 . VAL A 1 7  ? 2.517   4.352   0.914   1.00 0.00 ? 7  VAL A HG23 1 
ATOM 113 N N    . ALA A 1 8  ? 0.278   2.632   5.108   1.00 0.00 ? 8  ALA A N    1 
ATOM 114 C CA   . ALA A 1 8  ? -0.881  2.086   5.796   1.00 0.00 ? 8  ALA A CA   1 
ATOM 115 C C    . ALA A 1 8  ? -1.680  3.192   6.487   1.00 0.00 ? 8  ALA A C    1 
ATOM 116 O O    . ALA A 1 8  ? -2.908  3.201   6.423   1.00 0.00 ? 8  ALA A O    1 
ATOM 117 C CB   . ALA A 1 8  ? -0.414  1.053   6.813   1.00 0.00 ? 8  ALA A CB   1 
ATOM 118 H H    . ALA A 1 8  ? 1.192   2.265   5.344   1.00 0.00 ? 8  ALA A H    1 
ATOM 119 H HA   . ALA A 1 8  ? -1.525  1.595   5.066   1.00 0.00 ? 8  ALA A HA   1 
ATOM 120 H HB1  . ALA A 1 8  ? 0.271   1.517   7.520   1.00 0.00 ? 8  ALA A HB1  1 
ATOM 121 H HB2  . ALA A 1 8  ? -1.274  0.665   7.347   1.00 0.00 ? 8  ALA A HB2  1 
ATOM 122 H HB3  . ALA A 1 8  ? 0.091   0.239   6.297   1.00 0.00 ? 8  ALA A HB3  1 
ATOM 123 N N    . LYS A 1 9  ? -0.983  4.118   7.151   1.00 0.00 ? 9  LYS A N    1 
ATOM 124 C CA   . LYS A 1 9  ? -1.631  5.209   7.864   1.00 0.00 ? 9  LYS A CA   1 
ATOM 125 C C    . LYS A 1 9  ? -2.286  6.164   6.869   1.00 0.00 ? 9  LYS A C    1 
ATOM 126 O O    . LYS A 1 9  ? -3.443  6.539   7.040   1.00 0.00 ? 9  LYS A O    1 
ATOM 127 C CB   . LYS A 1 9  ? -0.599  5.945   8.721   1.00 0.00 ? 9  LYS A CB   1 
ATOM 128 C CG   . LYS A 1 9  ? 0.032   4.974   9.724   1.00 0.00 ? 9  LYS A CG   1 
ATOM 129 C CD   . LYS A 1 9  ? 1.080   5.714   10.562  1.00 0.00 ? 9  LYS A CD   1 
ATOM 130 C CE   . LYS A 1 9  ? 1.995   4.706   11.259  1.00 0.00 ? 9  LYS A CE   1 
ATOM 131 N NZ   . LYS A 1 9  ? 2.931   4.086   10.302  1.00 0.00 ? 9  LYS A NZ   1 
ATOM 132 H H    . LYS A 1 9  ? 0.027   4.068   7.165   1.00 0.00 ? 9  LYS A H    1 
ATOM 133 H HA   . LYS A 1 9  ? -2.402  4.798   8.516   1.00 0.00 ? 9  LYS A HA   1 
ATOM 134 H HB2  . LYS A 1 9  ? 0.178   6.359   8.078   1.00 0.00 ? 9  LYS A HB2  1 
ATOM 135 H HB3  . LYS A 1 9  ? -1.090  6.755   9.263   1.00 0.00 ? 9  LYS A HB3  1 
ATOM 136 H HG2  . LYS A 1 9  ? -0.742  4.573   10.380  1.00 0.00 ? 9  LYS A HG2  1 
ATOM 137 H HG3  . LYS A 1 9  ? 0.507   4.154   9.187   1.00 0.00 ? 9  LYS A HG3  1 
ATOM 138 H HD2  . LYS A 1 9  ? 1.677   6.359   9.915   1.00 0.00 ? 9  LYS A HD2  1 
ATOM 139 H HD3  . LYS A 1 9  ? 0.575   6.325   11.312  1.00 0.00 ? 9  LYS A HD3  1 
ATOM 140 H HE2  . LYS A 1 9  ? 2.568   5.219   12.034  1.00 0.00 ? 9  LYS A HE2  1 
ATOM 141 H HE3  . LYS A 1 9  ? 1.387   3.927   11.723  1.00 0.00 ? 9  LYS A HE3  1 
ATOM 142 H HZ1  . LYS A 1 9  ? 2.409   3.627   9.564   1.00 0.00 ? 9  LYS A HZ1  1 
ATOM 143 H HZ2  . LYS A 1 9  ? 3.523   4.800   9.898   1.00 0.00 ? 9  LYS A HZ2  1 
ATOM 144 H HZ3  . LYS A 1 9  ? 3.503   3.406   10.782  1.00 0.00 ? 9  LYS A HZ3  1 
ATOM 145 N N    . ARG A 1 10 ? -1.541  6.554   5.828   1.00 0.00 ? 10 ARG A N    1 
ATOM 146 C CA   . ARG A 1 10 ? -2.048  7.462   4.808   1.00 0.00 ? 10 ARG A CA   1 
ATOM 147 C C    . ARG A 1 10 ? -3.268  6.848   4.114   1.00 0.00 ? 10 ARG A C    1 
ATOM 148 O O    . ARG A 1 10 ? -4.214  7.557   3.779   1.00 0.00 ? 10 ARG A O    1 
ATOM 149 C CB   . ARG A 1 10 ? -0.933  7.748   3.795   1.00 0.00 ? 10 ARG A CB   1 
ATOM 150 C CG   . ARG A 1 10 ? -1.435  8.727   2.728   1.00 0.00 ? 10 ARG A CG   1 
ATOM 151 C CD   . ARG A 1 10 ? -0.291  9.080   1.774   1.00 0.00 ? 10 ARG A CD   1 
ATOM 152 N NE   . ARG A 1 10 ? -0.763  9.945   0.685   1.00 0.00 ? 10 ARG A NE   1 
ATOM 153 C CZ   . ARG A 1 10 ? -0.992  11.261  0.826   1.00 0.00 ? 10 ARG A CZ   1 
ATOM 154 N NH1  . ARG A 1 10 ? -0.767  11.870  2.000   1.00 0.00 ? 10 ARG A NH1  1 
ATOM 155 N NH2  . ARG A 1 10 ? -1.448  11.963  -0.214  1.00 0.00 ? 10 ARG A NH2  1 
ATOM 156 H H    . ARG A 1 10 ? -0.591  6.213   5.737   1.00 0.00 ? 10 ARG A H    1 
ATOM 157 H HA   . ARG A 1 10 ? -2.344  8.398   5.282   1.00 0.00 ? 10 ARG A HA   1 
ATOM 158 H HB2  . ARG A 1 10 ? -0.078  8.183   4.313   1.00 0.00 ? 10 ARG A HB2  1 
ATOM 159 H HB3  . ARG A 1 10 ? -0.629  6.816   3.317   1.00 0.00 ? 10 ARG A HB3  1 
ATOM 160 H HG2  . ARG A 1 10 ? -2.244  8.267   2.161   1.00 0.00 ? 10 ARG A HG2  1 
ATOM 161 H HG3  . ARG A 1 10 ? -1.800  9.634   3.211   1.00 0.00 ? 10 ARG A HG3  1 
ATOM 162 H HD2  . ARG A 1 10 ? 0.499   9.591   2.327   1.00 0.00 ? 10 ARG A HD2  1 
ATOM 163 H HD3  . ARG A 1 10 ? 0.111   8.162   1.347   1.00 0.00 ? 10 ARG A HD3  1 
ATOM 164 H HE   . ARG A 1 10 ? -0.924  9.514   -0.223  1.00 0.00 ? 10 ARG A HE   1 
ATOM 165 H HH11 . ARG A 1 10 ? -0.433  11.337  2.788   1.00 0.00 ? 10 ARG A HH11 1 
ATOM 166 H HH12 . ARG A 1 10 ? -0.935  12.860  2.095   1.00 0.00 ? 10 ARG A HH12 1 
ATOM 167 H HH21 . ARG A 1 10 ? -1.628  11.490  -1.099  1.00 0.00 ? 10 ARG A HH21 1 
ATOM 168 H HH22 . ARG A 1 10 ? -1.612  12.953  -0.128  1.00 0.00 ? 10 ARG A HH22 1 
ATOM 169 N N    . ALA A 1 11 ? -3.233  5.531   3.896   1.00 0.00 ? 11 ALA A N    1 
ATOM 170 C CA   . ALA A 1 11 ? -4.310  4.823   3.227   1.00 0.00 ? 11 ALA A CA   1 
ATOM 171 C C    . ALA A 1 11 ? -5.542  4.755   4.123   1.00 0.00 ? 11 ALA A C    1 
ATOM 172 O O    . ALA A 1 11 ? -6.637  5.112   3.691   1.00 0.00 ? 11 ALA A O    1 
ATOM 173 C CB   . ALA A 1 11 ? -3.837  3.417   2.862   1.00 0.00 ? 11 ALA A CB   1 
ATOM 174 H H    . ALA A 1 11 ? -2.431  4.998   4.199   1.00 0.00 ? 11 ALA A H    1 
ATOM 175 H HA   . ALA A 1 11 ? -4.568  5.357   2.311   1.00 0.00 ? 11 ALA A HA   1 
ATOM 176 H HB1  . ALA A 1 11 ? -3.536  2.887   3.765   1.00 0.00 ? 11 ALA A HB1  1 
ATOM 177 H HB2  . ALA A 1 11 ? -4.649  2.878   2.378   1.00 0.00 ? 11 ALA A HB2  1 
ATOM 178 H HB3  . ALA A 1 11 ? -2.988  3.484   2.182   1.00 0.00 ? 11 ALA A HB3  1 
ATOM 179 N N    . ASN A 1 12 ? -5.371  4.287   5.369   1.00 0.00 ? 12 ASN A N    1 
ATOM 180 C CA   . ASN A 1 12 ? -6.487  4.155   6.291   1.00 0.00 ? 12 ASN A CA   1 
ATOM 181 C C    . ASN A 1 12 ? -6.003  4.223   7.743   1.00 0.00 ? 12 ASN A C    1 
ATOM 182 O O    . ASN A 1 12 ? -6.084  5.281   8.362   1.00 0.00 ? 12 ASN A O    1 
ATOM 183 C CB   . ASN A 1 12 ? -7.219  2.837   6.008   1.00 0.00 ? 12 ASN A CB   1 
ATOM 184 C CG   . ASN A 1 12 ? -8.423  2.665   6.928   1.00 0.00 ? 12 ASN A CG   1 
ATOM 185 O OD1  . ASN A 1 12 ? -9.163  3.616   7.170   1.00 0.00 ? 12 ASN A OD1  1 
ATOM 186 N ND2  . ASN A 1 12 ? -8.621  1.452   7.442   1.00 0.00 ? 12 ASN A ND2  1 
ATOM 187 H H    . ASN A 1 12 ? -4.449  4.012   5.683   1.00 0.00 ? 12 ASN A H    1 
ATOM 188 H HA   . ASN A 1 12 ? -7.180  4.980   6.121   1.00 0.00 ? 12 ASN A HA   1 
ATOM 189 H HB2  . ASN A 1 12 ? -7.562  2.836   4.973   1.00 0.00 ? 12 ASN A HB2  1 
ATOM 190 H HB3  . ASN A 1 12 ? -6.531  2.005   6.153   1.00 0.00 ? 12 ASN A HB3  1 
ATOM 191 H HD21 . ASN A 1 12 ? -7.991  0.692   7.210   1.00 0.00 ? 12 ASN A HD21 1 
ATOM 192 H HD22 . ASN A 1 12 ? -9.400  1.290   8.064   1.00 0.00 ? 12 ASN A HD22 1 
ATOM 193 N N    . VAL A 1 13 ? -5.514  3.093   8.294   1.00 0.00 ? 13 VAL A N    1 
ATOM 194 C CA   . VAL A 1 13 ? -5.077  3.044   9.687   1.00 0.00 ? 13 VAL A CA   1 
ATOM 195 C C    . VAL A 1 13 ? -3.823  2.175   9.830   1.00 0.00 ? 13 VAL A C    1 
ATOM 196 O O    . VAL A 1 13 ? -2.726  2.702   10.008  1.00 0.00 ? 13 VAL A O    1 
ATOM 197 C CB   . VAL A 1 13 ? -6.222  2.496   10.566  1.00 0.00 ? 13 VAL A CB   1 
ATOM 198 C CG1  . VAL A 1 13 ? -5.765  2.421   12.027  1.00 0.00 ? 13 VAL A CG1  1 
ATOM 199 C CG2  . VAL A 1 13 ? -7.443  3.419   10.479  1.00 0.00 ? 13 VAL A CG2  1 
ATOM 200 H H    . VAL A 1 13 ? -5.452  2.252   7.741   1.00 0.00 ? 13 VAL A H    1 
ATOM 201 H HA   . VAL A 1 13 ? -4.834  4.054   10.018  1.00 0.00 ? 13 VAL A HA   1 
ATOM 202 H HB   . VAL A 1 13 ? -6.500  1.496   10.221  1.00 0.00 ? 13 VAL A HB   1 
ATOM 203 H HG11 . VAL A 1 13 ? -5.411  3.400   12.350  1.00 0.00 ? 13 VAL A HG11 1 
ATOM 204 H HG12 . VAL A 1 13 ? -6.602  2.115   12.655  1.00 0.00 ? 13 VAL A HG12 1 
ATOM 205 H HG13 . VAL A 1 13 ? -4.960  1.696   12.125  1.00 0.00 ? 13 VAL A HG13 1 
ATOM 206 H HG21 . VAL A 1 13 ? -7.146  4.441   10.716  1.00 0.00 ? 13 VAL A HG21 1 
ATOM 207 H HG22 . VAL A 1 13 ? -7.856  3.385   9.474   1.00 0.00 ? 13 VAL A HG22 1 
ATOM 208 H HG23 . VAL A 1 13 ? -8.200  3.088   11.189  1.00 0.00 ? 13 VAL A HG23 1 
ATOM 209 N N    . SER A 1 14 ? -3.993  0.843   9.771   1.00 0.00 ? 14 SER A N    1 
ATOM 210 C CA   . SER A 1 14 ? -2.891  -0.093  9.972   1.00 0.00 ? 14 SER A CA   1 
ATOM 211 C C    . SER A 1 14 ? -2.643  -0.917  8.716   1.00 0.00 ? 14 SER A C    1 
ATOM 212 O O    . SER A 1 14 ? -3.466  -0.933  7.796   1.00 0.00 ? 14 SER A O    1 
ATOM 213 C CB   . SER A 1 14 ? -3.224  -1.010  11.152  1.00 0.00 ? 14 SER A CB   1 
ATOM 214 O OG   . SER A 1 14 ? -3.330  -0.244  12.332  1.00 0.00 ? 14 SER A OG   1 
ATOM 215 H H    . SER A 1 14 ? -4.911  0.464   9.594   1.00 0.00 ? 14 SER A H    1 
ATOM 216 H HA   . SER A 1 14 ? -1.984  0.464   10.207  1.00 0.00 ? 14 SER A HA   1 
ATOM 217 H HB2  . SER A 1 14 ? -4.169  -1.519  10.964  1.00 0.00 ? 14 SER A HB2  1 
ATOM 218 H HB3  . SER A 1 14 ? -2.432  -1.750  11.273  1.00 0.00 ? 14 SER A HB3  1 
ATOM 219 H HG   . SER A 1 14 ? -3.538  -0.831  13.062  1.00 0.00 ? 14 SER A HG   1 
ATOM 220 N N    . THR A 1 15 ? -1.491  -1.605  8.691   1.00 0.00 ? 15 THR A N    1 
ATOM 221 C CA   . THR A 1 15 ? -1.086  -2.444  7.571   1.00 0.00 ? 15 THR A CA   1 
ATOM 222 C C    . THR A 1 15 ? -2.171  -3.468  7.241   1.00 0.00 ? 15 THR A C    1 
ATOM 223 O O    . THR A 1 15 ? -2.254  -3.925  6.106   1.00 0.00 ? 15 THR A O    1 
ATOM 224 C CB   . THR A 1 15 ? 0.227   -3.150  7.925   1.00 0.00 ? 15 THR A CB   1 
ATOM 225 O OG1  . THR A 1 15 ? 0.099   -3.776  9.185   1.00 0.00 ? 15 THR A OG1  1 
ATOM 226 C CG2  . THR A 1 15 ? 1.367   -2.130  7.980   1.00 0.00 ? 15 THR A CG2  1 
ATOM 227 H H    . THR A 1 15 ? -0.866  -1.544  9.483   1.00 0.00 ? 15 THR A H    1 
ATOM 228 H HA   . THR A 1 15 ? -0.924  -1.813  6.696   1.00 0.00 ? 15 THR A HA   1 
ATOM 229 H HB   . THR A 1 15 ? 0.451   -3.902  7.166   1.00 0.00 ? 15 THR A HB   1 
ATOM 230 H HG1  . THR A 1 15 ? 0.915   -4.244  9.377   1.00 0.00 ? 15 THR A HG1  1 
ATOM 231 H HG21 . THR A 1 15 ? 1.450   -1.623  7.019   1.00 0.00 ? 15 THR A HG21 1 
ATOM 232 H HG22 . THR A 1 15 ? 1.167   -1.398  8.761   1.00 0.00 ? 15 THR A HG22 1 
ATOM 233 H HG23 . THR A 1 15 ? 2.304   -2.644  8.198   1.00 0.00 ? 15 THR A HG23 1 
ATOM 234 N N    . THR A 1 16 ? -3.001  -3.823  8.229   1.00 0.00 ? 16 THR A N    1 
ATOM 235 C CA   . THR A 1 16 ? -4.085  -4.772  8.030   1.00 0.00 ? 16 THR A CA   1 
ATOM 236 C C    . THR A 1 16 ? -4.902  -4.377  6.799   1.00 0.00 ? 16 THR A C    1 
ATOM 237 O O    . THR A 1 16 ? -5.165  -5.211  5.939   1.00 0.00 ? 16 THR A O    1 
ATOM 238 C CB   . THR A 1 16 ? -4.970  -4.798  9.281   1.00 0.00 ? 16 THR A CB   1 
ATOM 239 O OG1  . THR A 1 16 ? -5.324  -3.477  9.640   1.00 0.00 ? 16 THR A OG1  1 
ATOM 240 C CG2  . THR A 1 16 ? -4.211  -5.451  10.439  1.00 0.00 ? 16 THR A CG2  1 
ATOM 241 H H    . THR A 1 16 ? -2.884  -3.422  9.147   1.00 0.00 ? 16 THR A H    1 
ATOM 242 H HA   . THR A 1 16 ? -3.663  -5.765  7.872   1.00 0.00 ? 16 THR A HA   1 
ATOM 243 H HB   . THR A 1 16 ? -5.873  -5.373  9.074   1.00 0.00 ? 16 THR A HB   1 
ATOM 244 H HG1  . THR A 1 16 ? -5.919  -3.515  10.393  1.00 0.00 ? 16 THR A HG1  1 
ATOM 245 H HG21 . THR A 1 16 ? -3.919  -6.464  10.158  1.00 0.00 ? 16 THR A HG21 1 
ATOM 246 H HG22 . THR A 1 16 ? -3.319  -4.867  10.669  1.00 0.00 ? 16 THR A HG22 1 
ATOM 247 H HG23 . THR A 1 16 ? -4.854  -5.491  11.318  1.00 0.00 ? 16 THR A HG23 1 
ATOM 248 N N    . THR A 1 17 ? -5.298  -3.100  6.717   1.00 0.00 ? 17 THR A N    1 
ATOM 249 C CA   . THR A 1 17 ? -6.086  -2.604  5.596   1.00 0.00 ? 17 THR A CA   1 
ATOM 250 C C    . THR A 1 17 ? -5.375  -2.901  4.271   1.00 0.00 ? 17 THR A C    1 
ATOM 251 O O    . THR A 1 17 ? -6.003  -3.364  3.319   1.00 0.00 ? 17 THR A O    1 
ATOM 252 C CB   . THR A 1 17 ? -6.316  -1.099  5.765   1.00 0.00 ? 17 THR A CB   1 
ATOM 253 O OG1  . THR A 1 17 ? -6.939  -0.851  7.008   1.00 0.00 ? 17 THR A OG1  1 
ATOM 254 C CG2  . THR A 1 17 ? -7.218  -0.592  4.636   1.00 0.00 ? 17 THR A CG2  1 
ATOM 255 H H    . THR A 1 17 ? -5.047  -2.449  7.454   1.00 0.00 ? 17 THR A H    1 
ATOM 256 H HA   . THR A 1 17 ? -7.052  -3.110  5.598   1.00 0.00 ? 17 THR A HA   1 
ATOM 257 H HB   . THR A 1 17 ? -5.359  -0.574  5.730   1.00 0.00 ? 17 THR A HB   1 
ATOM 258 H HG1  . THR A 1 17 ? -6.357  -1.159  7.708   1.00 0.00 ? 17 THR A HG1  1 
ATOM 259 H HG21 . THR A 1 17 ? -8.115  -1.209  4.581   1.00 0.00 ? 17 THR A HG21 1 
ATOM 260 H HG22 . THR A 1 17 ? -7.503  0.440   4.833   1.00 0.00 ? 17 THR A HG22 1 
ATOM 261 H HG23 . THR A 1 17 ? -6.684  -0.643  3.689   1.00 0.00 ? 17 THR A HG23 1 
ATOM 262 N N    . VAL A 1 18 ? -4.065  -2.637  4.210   1.00 0.00 ? 18 VAL A N    1 
ATOM 263 C CA   . VAL A 1 18 ? -3.286  -2.873  3.003   1.00 0.00 ? 18 VAL A CA   1 
ATOM 264 C C    . VAL A 1 18 ? -3.293  -4.368  2.673   1.00 0.00 ? 18 VAL A C    1 
ATOM 265 O O    . VAL A 1 18 ? -3.521  -4.751  1.526   1.00 0.00 ? 18 VAL A O    1 
ATOM 266 C CB   . VAL A 1 18 ? -1.850  -2.358  3.204   1.00 0.00 ? 18 VAL A CB   1 
ATOM 267 C CG1  . VAL A 1 18 ? -1.026  -2.611  1.938   1.00 0.00 ? 18 VAL A CG1  1 
ATOM 268 C CG2  . VAL A 1 18 ? -1.873  -0.854  3.500   1.00 0.00 ? 18 VAL A CG2  1 
ATOM 269 H H    . VAL A 1 18 ? -3.592  -2.263  5.020   1.00 0.00 ? 18 VAL A H    1 
ATOM 270 H HA   . VAL A 1 18 ? -3.744  -2.328  2.177   1.00 0.00 ? 18 VAL A HA   1 
ATOM 271 H HB   . VAL A 1 18 ? -1.389  -2.881  4.041   1.00 0.00 ? 18 VAL A HB   1 
ATOM 272 H HG11 . VAL A 1 18 ? -1.545  -2.192  1.076   1.00 0.00 ? 18 VAL A HG11 1 
ATOM 273 H HG12 . VAL A 1 18 ? -0.050  -2.136  2.039   1.00 0.00 ? 18 VAL A HG12 1 
ATOM 274 H HG13 . VAL A 1 18 ? -0.894  -3.682  1.798   1.00 0.00 ? 18 VAL A HG13 1 
ATOM 275 H HG21 . VAL A 1 18 ? -2.377  -0.331  2.688   1.00 0.00 ? 18 VAL A HG21 1 
ATOM 276 H HG22 . VAL A 1 18 ? -2.404  -0.672  4.434   1.00 0.00 ? 18 VAL A HG22 1 
ATOM 277 H HG23 . VAL A 1 18 ? -0.851  -0.486  3.588   1.00 0.00 ? 18 VAL A HG23 1 
ATOM 278 N N    . SER A 1 19 ? -3.045  -5.209  3.683   1.00 0.00 ? 19 SER A N    1 
ATOM 279 C CA   . SER A 1 19 ? -3.016  -6.652  3.506   1.00 0.00 ? 19 SER A CA   1 
ATOM 280 C C    . SER A 1 19 ? -4.343  -7.148  2.931   1.00 0.00 ? 19 SER A C    1 
ATOM 281 O O    . SER A 1 19 ? -4.348  -7.979  2.032   1.00 0.00 ? 19 SER A O    1 
ATOM 282 C CB   . SER A 1 19 ? -2.726  -7.321  4.851   1.00 0.00 ? 19 SER A CB   1 
ATOM 283 O OG   . SER A 1 19 ? -1.527  -6.803  5.387   1.00 0.00 ? 19 SER A OG   1 
ATOM 284 H H    . SER A 1 19 ? -2.866  -4.839  4.607   1.00 0.00 ? 19 SER A H    1 
ATOM 285 H HA   . SER A 1 19 ? -2.215  -6.904  2.809   1.00 0.00 ? 19 SER A HA   1 
ATOM 286 H HB2  . SER A 1 19 ? -3.547  -7.125  5.540   1.00 0.00 ? 19 SER A HB2  1 
ATOM 287 H HB3  . SER A 1 19 ? -2.625  -8.398  4.706   1.00 0.00 ? 19 SER A HB3  1 
ATOM 288 H HG   . SER A 1 19 ? -1.372  -7.212  6.242   1.00 0.00 ? 19 SER A HG   1 
ATOM 289 N N    . HIS A 1 20 ? -5.467  -6.640  3.453   1.00 0.00 ? 20 HIS A N    1 
ATOM 290 C CA   . HIS A 1 20 ? -6.791  -7.045  2.988   1.00 0.00 ? 20 HIS A CA   1 
ATOM 291 C C    . HIS A 1 20 ? -6.914  -6.827  1.482   1.00 0.00 ? 20 HIS A C    1 
ATOM 292 O O    . HIS A 1 20 ? -7.410  -7.694  0.763   1.00 0.00 ? 20 HIS A O    1 
ATOM 293 C CB   . HIS A 1 20 ? -7.865  -6.231  3.719   1.00 0.00 ? 20 HIS A CB   1 
ATOM 294 C CG   . HIS A 1 20 ? -7.821  -6.407  5.211   1.00 0.00 ? 20 HIS A CG   1 
ATOM 295 N ND1  . HIS A 1 20 ? -8.519  -5.583  6.085   1.00 0.00 ? 20 HIS A ND1  1 
ATOM 296 C CD2  . HIS A 1 20 ? -7.166  -7.301  6.014   1.00 0.00 ? 20 HIS A CD2  1 
ATOM 297 C CE1  . HIS A 1 20 ? -8.248  -6.021  7.331   1.00 0.00 ? 20 HIS A CE1  1 
ATOM 298 N NE2  . HIS A 1 20 ? -7.426  -7.072  7.358   1.00 0.00 ? 20 HIS A NE2  1 
ATOM 299 H H    . HIS A 1 20 ? -5.407  -5.953  4.195   1.00 0.00 ? 20 HIS A H    1 
ATOM 300 H HA   . HIS A 1 20 ? -6.937  -8.103  3.206   1.00 0.00 ? 20 HIS A HA   1 
ATOM 301 H HB2  . HIS A 1 20 ? -7.726  -5.175  3.487   1.00 0.00 ? 20 HIS A HB2  1 
ATOM 302 H HB3  . HIS A 1 20 ? -8.844  -6.541  3.359   1.00 0.00 ? 20 HIS A HB3  1 
ATOM 303 H HD1  . HIS A 1 20 ? -9.112  -4.806  5.836   1.00 0.00 ? 20 HIS A HD1  1 
ATOM 304 H HD2  . HIS A 1 20 ? -6.521  -8.083  5.643   1.00 0.00 ? 20 HIS A HD2  1 
ATOM 305 H HE1  . HIS A 1 20 ? -8.657  -5.566  8.221   1.00 0.00 ? 20 HIS A HE1  1 
ATOM 306 N N    . VAL A 1 21 ? -6.466  -5.659  1.019   1.00 0.00 ? 21 VAL A N    1 
ATOM 307 C CA   . VAL A 1 21 ? -6.556  -5.287  -0.387  1.00 0.00 ? 21 VAL A CA   1 
ATOM 308 C C    . VAL A 1 21 ? -5.637  -6.160  -1.245  1.00 0.00 ? 21 VAL A C    1 
ATOM 309 O O    . VAL A 1 21 ? -6.103  -6.804  -2.183  1.00 0.00 ? 21 VAL A O    1 
ATOM 310 C CB   . VAL A 1 21 ? -6.202  -3.798  -0.541  1.00 0.00 ? 21 VAL A CB   1 
ATOM 311 C CG1  . VAL A 1 21 ? -6.006  -3.451  -2.020  1.00 0.00 ? 21 VAL A CG1  1 
ATOM 312 C CG2  . VAL A 1 21 ? -7.335  -2.944  0.029   1.00 0.00 ? 21 VAL A CG2  1 
ATOM 313 H H    . VAL A 1 21 ? -6.054  -4.997  1.666   1.00 0.00 ? 21 VAL A H    1 
ATOM 314 H HA   . VAL A 1 21 ? -7.584  -5.436  -0.721  1.00 0.00 ? 21 VAL A HA   1 
ATOM 315 H HB   . VAL A 1 21 ? -5.281  -3.584  0.003   1.00 0.00 ? 21 VAL A HB   1 
ATOM 316 H HG11 . VAL A 1 21 ? -6.844  -3.840  -2.599  1.00 0.00 ? 21 VAL A HG11 1 
ATOM 317 H HG12 . VAL A 1 21 ? -5.956  -2.368  -2.137  1.00 0.00 ? 21 VAL A HG12 1 
ATOM 318 H HG13 . VAL A 1 21 ? -5.079  -3.894  -2.380  1.00 0.00 ? 21 VAL A HG13 1 
ATOM 319 H HG21 . VAL A 1 21 ? -7.482  -3.184  1.081   1.00 0.00 ? 21 VAL A HG21 1 
ATOM 320 H HG22 . VAL A 1 21 ? -7.080  -1.890  -0.070  1.00 0.00 ? 21 VAL A HG22 1 
ATOM 321 H HG23 . VAL A 1 21 ? -8.254  -3.146  -0.522  1.00 0.00 ? 21 VAL A HG23 1 
ATOM 322 N N    . ILE A 1 22 ? -4.334  -6.169  -0.938  1.00 0.00 ? 22 ILE A N    1 
ATOM 323 C CA   . ILE A 1 22 ? -3.362  -6.920  -1.729  1.00 0.00 ? 22 ILE A CA   1 
ATOM 324 C C    . ILE A 1 22 ? -3.709  -8.412  -1.724  1.00 0.00 ? 22 ILE A C    1 
ATOM 325 O O    . ILE A 1 22 ? -3.796  -9.029  -2.783  1.00 0.00 ? 22 ILE A O    1 
ATOM 326 C CB   . ILE A 1 22 ? -1.945  -6.680  -1.182  1.00 0.00 ? 22 ILE A CB   1 
ATOM 327 C CG1  . ILE A 1 22 ? -1.609  -5.180  -1.259  1.00 0.00 ? 22 ILE A CG1  1 
ATOM 328 C CG2  . ILE A 1 22 ? -0.937  -7.474  -2.025  1.00 0.00 ? 22 ILE A CG2  1 
ATOM 329 C CD1  . ILE A 1 22 ? -0.214  -4.917  -0.684  1.00 0.00 ? 22 ILE A CD1  1 
ATOM 330 H H    . ILE A 1 22 ? -4.001  -5.637  -0.144  1.00 0.00 ? 22 ILE A H    1 
ATOM 331 H HA   . ILE A 1 22 ? -3.402  -6.560  -2.759  1.00 0.00 ? 22 ILE A HA   1 
ATOM 332 H HB   . ILE A 1 22 ? -1.895  -7.015  -0.145  1.00 0.00 ? 22 ILE A HB   1 
ATOM 333 H HG12 . ILE A 1 22 ? -1.637  -4.854  -2.297  1.00 0.00 ? 22 ILE A HG12 1 
ATOM 334 H HG13 . ILE A 1 22 ? -2.340  -4.613  -0.686  1.00 0.00 ? 22 ILE A HG13 1 
ATOM 335 H HG21 . ILE A 1 22 ? -1.197  -8.532  -2.009  1.00 0.00 ? 22 ILE A HG21 1 
ATOM 336 H HG22 . ILE A 1 22 ? -0.960  -7.111  -3.054  1.00 0.00 ? 22 ILE A HG22 1 
ATOM 337 H HG23 . ILE A 1 22 ? 0.063   -7.347  -1.616  1.00 0.00 ? 22 ILE A HG23 1 
ATOM 338 H HD11 . ILE A 1 22 ? -0.104  -5.445  0.264   1.00 0.00 ? 22 ILE A HD11 1 
ATOM 339 H HD12 . ILE A 1 22 ? 0.544   -5.267  -1.385  1.00 0.00 ? 22 ILE A HD12 1 
ATOM 340 H HD13 . ILE A 1 22 ? -0.085  -3.848  -0.521  1.00 0.00 ? 22 ILE A HD13 1 
ATOM 341 N N    . ASN A 1 23 ? -3.902  -8.986  -0.533  1.00 0.00 ? 23 ASN A N    1 
ATOM 342 C CA   . ASN A 1 23 ? -4.227  -10.401 -0.396  1.00 0.00 ? 23 ASN A CA   1 
ATOM 343 C C    . ASN A 1 23 ? -5.591  -10.693 -1.032  1.00 0.00 ? 23 ASN A C    1 
ATOM 344 O O    . ASN A 1 23 ? -5.851  -11.818 -1.449  1.00 0.00 ? 23 ASN A O    1 
ATOM 345 C CB   . ASN A 1 23 ? -4.221  -10.774 1.091   1.00 0.00 ? 23 ASN A CB   1 
ATOM 346 C CG   . ASN A 1 23 ? -4.157  -12.285 1.298   1.00 0.00 ? 23 ASN A CG   1 
ATOM 347 O OD1  . ASN A 1 23 ? -3.985  -13.046 0.352   1.00 0.00 ? 23 ASN A OD1  1 
ATOM 348 N ND2  . ASN A 1 23 ? -4.293  -12.718 2.551   1.00 0.00 ? 23 ASN A ND2  1 
ATOM 349 H H    . ASN A 1 23 ? -3.822  -8.431  0.309   1.00 0.00 ? 23 ASN A H    1 
ATOM 350 H HA   . ASN A 1 23 ? -3.464  -10.985 -0.913  1.00 0.00 ? 23 ASN A HA   1 
ATOM 351 H HB2  . ASN A 1 23 ? -3.353  -10.319 1.568   1.00 0.00 ? 23 ASN A HB2  1 
ATOM 352 H HB3  . ASN A 1 23 ? -5.127  -10.389 1.559   1.00 0.00 ? 23 ASN A HB3  1 
ATOM 353 H HD21 . ASN A 1 23 ? -4.431  -12.055 3.300   1.00 0.00 ? 23 ASN A HD21 1 
ATOM 354 H HD22 . ASN A 1 23 ? -4.258  -13.707 2.748   1.00 0.00 ? 23 ASN A HD22 1 
ATOM 355 N N    . LYS A 1 24 ? -6.457  -9.668  -1.103  1.00 0.00 ? 24 LYS A N    1 
ATOM 356 C CA   . LYS A 1 24 ? -7.780  -9.792  -1.698  1.00 0.00 ? 24 LYS A CA   1 
ATOM 357 C C    . LYS A 1 24 ? -8.620  -10.791 -0.898  1.00 0.00 ? 24 LYS A C    1 
ATOM 358 O O    . LYS A 1 24 ? -9.172  -11.738 -1.459  1.00 0.00 ? 24 LYS A O    1 
ATOM 359 C CB   . LYS A 1 24 ? -7.645  -10.211 -3.171  1.00 0.00 ? 24 LYS A CB   1 
ATOM 360 C CG   . LYS A 1 24 ? -8.939  -9.884  -3.930  1.00 0.00 ? 24 LYS A CG   1 
ATOM 361 C CD   . LYS A 1 24 ? -8.741  -10.121 -5.433  1.00 0.00 ? 24 LYS A CD   1 
ATOM 362 C CE   . LYS A 1 24 ? -8.500  -11.610 -5.706  1.00 0.00 ? 24 LYS A CE   1 
ATOM 363 N NZ   . LYS A 1 24 ? -8.528  -11.894 -7.152  1.00 0.00 ? 24 LYS A NZ   1 
ATOM 364 H H    . LYS A 1 24 ? -6.189  -8.765  -0.734  1.00 0.00 ? 24 LYS A H    1 
ATOM 365 H HA   . LYS A 1 24 ? -8.269  -8.818  -1.656  1.00 0.00 ? 24 LYS A HA   1 
ATOM 366 H HB2  . LYS A 1 24 ? -6.816  -9.666  -3.625  1.00 0.00 ? 24 LYS A HB2  1 
ATOM 367 H HB3  . LYS A 1 24 ? -7.448  -11.280 -3.230  1.00 0.00 ? 24 LYS A HB3  1 
ATOM 368 H HG2  . LYS A 1 24 ? -9.746  -10.520 -3.565  1.00 0.00 ? 24 LYS A HG2  1 
ATOM 369 H HG3  . LYS A 1 24 ? -9.200  -8.839  -3.763  1.00 0.00 ? 24 LYS A HG3  1 
ATOM 370 H HD2  . LYS A 1 24 ? -9.635  -9.796  -5.966  1.00 0.00 ? 24 LYS A HD2  1 
ATOM 371 H HD3  . LYS A 1 24 ? -7.884  -9.543  -5.781  1.00 0.00 ? 24 LYS A HD3  1 
ATOM 372 H HE2  . LYS A 1 24 ? -7.527  -11.898 -5.308  1.00 0.00 ? 24 LYS A HE2  1 
ATOM 373 H HE3  . LYS A 1 24 ? -9.275  -12.197 -5.212  1.00 0.00 ? 24 LYS A HE3  1 
ATOM 374 H HZ1  . LYS A 1 24 ? -9.430  -11.639 -7.529  1.00 0.00 ? 24 LYS A HZ1  1 
ATOM 375 H HZ2  . LYS A 1 24 ? -7.807  -11.360 -7.615  1.00 0.00 ? 24 LYS A HZ2  1 
ATOM 376 H HZ3  . LYS A 1 24 ? -8.366  -12.880 -7.305  1.00 0.00 ? 24 LYS A HZ3  1 
ATOM 377 N N    . THR A 1 25 ? -8.715  -10.566 0.417   1.00 0.00 ? 25 THR A N    1 
ATOM 378 C CA   . THR A 1 25 ? -9.495  -11.417 1.306   1.00 0.00 ? 25 THR A CA   1 
ATOM 379 C C    . THR A 1 25 ? -10.724 -10.645 1.773   1.00 0.00 ? 25 THR A C    1 
ATOM 380 O O    . THR A 1 25 ? -11.822 -10.846 1.253   1.00 0.00 ? 25 THR A O    1 
ATOM 381 C CB   . THR A 1 25 ? -8.626  -11.850 2.496   1.00 0.00 ? 25 THR A CB   1 
ATOM 382 O OG1  . THR A 1 25 ? -7.919  -10.735 3.003   1.00 0.00 ? 25 THR A OG1  1 
ATOM 383 C CG2  . THR A 1 25 ? -7.633  -12.921 2.044   1.00 0.00 ? 25 THR A CG2  1 
ATOM 384 H H    . THR A 1 25 ? -8.235  -9.770  0.820   1.00 0.00 ? 25 THR A H    1 
ATOM 385 H HA   . THR A 1 25 ? -9.822  -12.306 0.766   1.00 0.00 ? 25 THR A HA   1 
ATOM 386 H HB   . THR A 1 25 ? -9.266  -12.261 3.280   1.00 0.00 ? 25 THR A HB   1 
ATOM 387 H HG1  . THR A 1 25 ? -7.223  -10.508 2.383   1.00 0.00 ? 25 THR A HG1  1 
ATOM 388 H HG21 . THR A 1 25 ? -7.006  -12.523 1.245   1.00 0.00 ? 25 THR A HG21 1 
ATOM 389 H HG22 . THR A 1 25 ? -7.006  -13.213 2.886   1.00 0.00 ? 25 THR A HG22 1 
ATOM 390 H HG23 . THR A 1 25 ? -8.176  -13.792 1.678   1.00 0.00 ? 25 THR A HG23 1 
ATOM 391 N N    . ARG A 1 26 ? -10.534 -9.751  2.750   1.00 0.00 ? 26 ARG A N    1 
ATOM 392 C CA   . ARG A 1 26 ? -11.610 -8.921  3.257   1.00 0.00 ? 26 ARG A CA   1 
ATOM 393 C C    . ARG A 1 26 ? -11.857 -7.792  2.261   1.00 0.00 ? 26 ARG A C    1 
ATOM 394 O O    . ARG A 1 26 ? -11.279 -6.716  2.382   1.00 0.00 ? 26 ARG A O    1 
ATOM 395 C CB   . ARG A 1 26 ? -11.228 -8.373  4.637   1.00 0.00 ? 26 ARG A CB   1 
ATOM 396 C CG   . ARG A 1 26 ? -11.188 -9.520  5.654   1.00 0.00 ? 26 ARG A CG   1 
ATOM 397 C CD   . ARG A 1 26 ? -10.658 -9.008  6.996   1.00 0.00 ? 26 ARG A CD   1 
ATOM 398 N NE   . ARG A 1 26 ? -11.560 -8.004  7.575   1.00 0.00 ? 26 ARG A NE   1 
ATOM 399 C CZ   . ARG A 1 26 ? -11.320 -7.391  8.747   1.00 0.00 ? 26 ARG A CZ   1 
ATOM 400 N NH1  . ARG A 1 26 ? -10.206 -7.669  9.438   1.00 0.00 ? 26 ARG A NH1  1 
ATOM 401 N NH2  . ARG A 1 26 ? -12.199 -6.502  9.226   1.00 0.00 ? 26 ARG A NH2  1 
ATOM 402 H H    . ARG A 1 26 ? -9.610  -9.637  3.147   1.00 0.00 ? 26 ARG A H    1 
ATOM 403 H HA   . ARG A 1 26 ? -12.518 -9.520  3.351   1.00 0.00 ? 26 ARG A HA   1 
ATOM 404 H HB2  . ARG A 1 26 ? -10.248 -7.903  4.581   1.00 0.00 ? 26 ARG A HB2  1 
ATOM 405 H HB3  . ARG A 1 26 ? -11.967 -7.634  4.949   1.00 0.00 ? 26 ARG A HB3  1 
ATOM 406 H HG2  . ARG A 1 26 ? -12.193 -9.921  5.789   1.00 0.00 ? 26 ARG A HG2  1 
ATOM 407 H HG3  . ARG A 1 26 ? -10.532 -10.309 5.287   1.00 0.00 ? 26 ARG A HG3  1 
ATOM 408 H HD2  . ARG A 1 26 ? -10.569 -9.850  7.686   1.00 0.00 ? 26 ARG A HD2  1 
ATOM 409 H HD3  . ARG A 1 26 ? -9.674  -8.566  6.845   1.00 0.00 ? 26 ARG A HD3  1 
ATOM 410 H HE   . ARG A 1 26 ? -12.396 -7.772  7.058   1.00 0.00 ? 26 ARG A HE   1 
ATOM 411 H HH11 . ARG A 1 26 ? -9.529  -8.319  9.064   1.00 0.00 ? 26 ARG A HH11 1 
ATOM 412 H HH12 . ARG A 1 26 ? -10.041 -7.231  10.332  1.00 0.00 ? 26 ARG A HH12 1 
ATOM 413 H HH21 . ARG A 1 26 ? -13.043 -6.296  8.710   1.00 0.00 ? 26 ARG A HH21 1 
ATOM 414 H HH22 . ARG A 1 26 ? -12.019 -6.035  10.103  1.00 0.00 ? 26 ARG A HH22 1 
ATOM 415 N N    . PHE A 1 27 ? -12.712 -8.055  1.267   1.00 0.00 ? 27 PHE A N    1 
ATOM 416 C CA   . PHE A 1 27 ? -13.017 -7.094  0.219   1.00 0.00 ? 27 PHE A CA   1 
ATOM 417 C C    . PHE A 1 27 ? -13.561 -5.795  0.816   1.00 0.00 ? 27 PHE A C    1 
ATOM 418 O O    . PHE A 1 27 ? -14.701 -5.750  1.278   1.00 0.00 ? 27 PHE A O    1 
ATOM 419 C CB   . PHE A 1 27 ? -14.033 -7.716  -0.748  1.00 0.00 ? 27 PHE A CB   1 
ATOM 420 C CG   . PHE A 1 27 ? -14.240 -6.902  -2.010  1.00 0.00 ? 27 PHE A CG   1 
ATOM 421 C CD1  . PHE A 1 27 ? -15.167 -5.843  -2.022  1.00 0.00 ? 27 PHE A CD1  1 
ATOM 422 C CD2  . PHE A 1 27 ? -13.507 -7.205  -3.171  1.00 0.00 ? 27 PHE A CD2  1 
ATOM 423 C CE1  . PHE A 1 27 ? -15.357 -5.089  -3.193  1.00 0.00 ? 27 PHE A CE1  1 
ATOM 424 C CE2  . PHE A 1 27 ? -13.699 -6.451  -4.342  1.00 0.00 ? 27 PHE A CE2  1 
ATOM 425 C CZ   . PHE A 1 27 ? -14.624 -5.393  -4.351  1.00 0.00 ? 27 PHE A CZ   1 
ATOM 426 H H    . PHE A 1 27 ? -13.162 -8.960  1.229   1.00 0.00 ? 27 PHE A H    1 
ATOM 427 H HA   . PHE A 1 27 ? -12.101 -6.875  -0.331  1.00 0.00 ? 27 PHE A HA   1 
ATOM 428 H HB2  . PHE A 1 27 ? -13.683 -8.710  -1.029  1.00 0.00 ? 27 PHE A HB2  1 
ATOM 429 H HB3  . PHE A 1 27 ? -14.990 -7.818  -0.234  1.00 0.00 ? 27 PHE A HB3  1 
ATOM 430 H HD1  . PHE A 1 27 ? -15.733 -5.607  -1.133  1.00 0.00 ? 27 PHE A HD1  1 
ATOM 431 H HD2  . PHE A 1 27 ? -12.795 -8.018  -3.165  1.00 0.00 ? 27 PHE A HD2  1 
ATOM 432 H HE1  . PHE A 1 27 ? -16.068 -4.275  -3.202  1.00 0.00 ? 27 PHE A HE1  1 
ATOM 433 H HE2  . PHE A 1 27 ? -13.136 -6.684  -5.234  1.00 0.00 ? 27 PHE A HE2  1 
ATOM 434 H HZ   . PHE A 1 27 ? -14.772 -4.811  -5.252  1.00 0.00 ? 27 PHE A HZ   1 
ATOM 435 N N    . VAL A 1 28 ? -12.740 -4.738  0.794   1.00 0.00 ? 28 VAL A N    1 
ATOM 436 C CA   . VAL A 1 28 ? -13.142 -3.428  1.290   1.00 0.00 ? 28 VAL A CA   1 
ATOM 437 C C    . VAL A 1 28 ? -13.841 -2.657  0.175   1.00 0.00 ? 28 VAL A C    1 
ATOM 438 O O    . VAL A 1 28 ? -13.890 -3.117  -0.969  1.00 0.00 ? 28 VAL A O    1 
ATOM 439 C CB   . VAL A 1 28 ? -11.912 -2.642  1.791   1.00 0.00 ? 28 VAL A CB   1 
ATOM 440 C CG1  . VAL A 1 28 ? -11.415 -3.239  3.110   1.00 0.00 ? 28 VAL A CG1  1 
ATOM 441 C CG2  . VAL A 1 28 ? -10.783 -2.691  0.751   1.00 0.00 ? 28 VAL A CG2  1 
ATOM 442 H H    . VAL A 1 28 ? -11.813 -4.841  0.417   1.00 0.00 ? 28 VAL A H    1 
ATOM 443 H HA   . VAL A 1 28 ? -13.839 -3.557  2.120   1.00 0.00 ? 28 VAL A HA   1 
ATOM 444 H HB   . VAL A 1 28 ? -12.198 -1.599  1.956   1.00 0.00 ? 28 VAL A HB   1 
ATOM 445 H HG11 . VAL A 1 28 ? -12.221 -3.219  3.846   1.00 0.00 ? 28 VAL A HG11 1 
ATOM 446 H HG12 . VAL A 1 28 ? -11.097 -4.268  2.950   1.00 0.00 ? 28 VAL A HG12 1 
ATOM 447 H HG13 . VAL A 1 28 ? -10.574 -2.653  3.480   1.00 0.00 ? 28 VAL A HG13 1 
ATOM 448 H HG21 . VAL A 1 28 ? -11.174 -2.417  -0.228  1.00 0.00 ? 28 VAL A HG21 1 
ATOM 449 H HG22 . VAL A 1 28 ? -10.000 -1.989  1.036   1.00 0.00 ? 28 VAL A HG22 1 
ATOM 450 H HG23 . VAL A 1 28 ? -10.365 -3.696  0.707   1.00 0.00 ? 28 VAL A HG23 1 
ATOM 451 N N    . ALA A 1 29 ? -14.372 -1.478  0.507   1.00 0.00 ? 29 ALA A N    1 
ATOM 452 C CA   . ALA A 1 29 ? -15.035 -0.633  -0.468  1.00 0.00 ? 29 ALA A CA   1 
ATOM 453 C C    . ALA A 1 29 ? -14.006 -0.109  -1.467  1.00 0.00 ? 29 ALA A C    1 
ATOM 454 O O    . ALA A 1 29 ? -12.803 -0.101  -1.183  1.00 0.00 ? 29 ALA A O    1 
ATOM 455 C CB   . ALA A 1 29 ? -15.727 0.524   0.253   1.00 0.00 ? 29 ALA A CB   1 
ATOM 456 H H    . ALA A 1 29 ? -14.311 -1.153  1.460   1.00 0.00 ? 29 ALA A H    1 
ATOM 457 H HA   . ALA A 1 29 ? -15.784 -1.221  -1.002  1.00 0.00 ? 29 ALA A HA   1 
ATOM 458 H HB1  . ALA A 1 29 ? -16.450 0.128   0.966   1.00 0.00 ? 29 ALA A HB1  1 
ATOM 459 H HB2  . ALA A 1 29 ? -14.984 1.122   0.782   1.00 0.00 ? 29 ALA A HB2  1 
ATOM 460 H HB3  . ALA A 1 29 ? -16.244 1.150   -0.476  1.00 0.00 ? 29 ALA A HB3  1 
ATOM 461 N N    . GLU A 1 30 ? -14.477 0.332   -2.636  1.00 0.00 ? 30 GLU A N    1 
ATOM 462 C CA   . GLU A 1 30 ? -13.599 0.854   -3.673  1.00 0.00 ? 30 GLU A CA   1 
ATOM 463 C C    . GLU A 1 30 ? -12.812 2.049   -3.139  1.00 0.00 ? 30 GLU A C    1 
ATOM 464 O O    . GLU A 1 30 ? -11.692 2.293   -3.572  1.00 0.00 ? 30 GLU A O    1 
ATOM 465 C CB   . GLU A 1 30 ? -14.425 1.254   -4.904  1.00 0.00 ? 30 GLU A CB   1 
ATOM 466 C CG   . GLU A 1 30 ? -15.397 0.129   -5.297  1.00 0.00 ? 30 GLU A CG   1 
ATOM 467 C CD   . GLU A 1 30 ? -14.741 -1.244  -5.194  1.00 0.00 ? 30 GLU A CD   1 
ATOM 468 O OE1  . GLU A 1 30 ? -13.689 -1.428  -5.848  1.00 0.00 ? 30 GLU A OE1  1 
ATOM 469 O OE2  . GLU A 1 30 ? -15.298 -2.084  -4.454  1.00 0.00 ? 30 GLU A OE2  1 
ATOM 470 H H    . GLU A 1 30 ? -15.469 0.304   -2.818  1.00 0.00 ? 30 GLU A H    1 
ATOM 471 H HA   . GLU A 1 30 ? -12.893 0.075   -3.959  1.00 0.00 ? 30 GLU A HA   1 
ATOM 472 H HB2  . GLU A 1 30 ? -14.992 2.158   -4.683  1.00 0.00 ? 30 GLU A HB2  1 
ATOM 473 H HB3  . GLU A 1 30 ? -13.749 1.451   -5.739  1.00 0.00 ? 30 GLU A HB3  1 
ATOM 474 H HG2  . GLU A 1 30 ? -16.265 0.160   -4.636  1.00 0.00 ? 30 GLU A HG2  1 
ATOM 475 H HG3  . GLU A 1 30 ? -15.728 0.288   -6.323  1.00 0.00 ? 30 GLU A HG3  1 
ATOM 476 N N    . GLU A 1 31 ? -13.400 2.789   -2.190  1.00 0.00 ? 31 GLU A N    1 
ATOM 477 C CA   . GLU A 1 31 ? -12.746 3.939   -1.593  1.00 0.00 ? 31 GLU A CA   1 
ATOM 478 C C    . GLU A 1 31 ? -11.440 3.507   -0.922  1.00 0.00 ? 31 GLU A C    1 
ATOM 479 O O    . GLU A 1 31 ? -10.380 4.059   -1.216  1.00 0.00 ? 31 GLU A O    1 
ATOM 480 C CB   . GLU A 1 31 ? -13.697 4.586   -0.580  1.00 0.00 ? 31 GLU A CB   1 
ATOM 481 C CG   . GLU A 1 31 ? -13.076 5.874   -0.032  1.00 0.00 ? 31 GLU A CG   1 
ATOM 482 C CD   . GLU A 1 31 ? -14.058 6.603   0.876   1.00 0.00 ? 31 GLU A CD   1 
ATOM 483 O OE1  . GLU A 1 31 ? -14.446 5.994   1.896   1.00 0.00 ? 31 GLU A OE1  1 
ATOM 484 O OE2  . GLU A 1 31 ? -14.402 7.755   0.534   1.00 0.00 ? 31 GLU A OE2  1 
ATOM 485 H H    . GLU A 1 31 ? -14.326 2.547   -1.872  1.00 0.00 ? 31 GLU A H    1 
ATOM 486 H HA   . GLU A 1 31 ? -12.519 4.663   -2.378  1.00 0.00 ? 31 GLU A HA   1 
ATOM 487 H HB2  . GLU A 1 31 ? -14.641 4.824   -1.072  1.00 0.00 ? 31 GLU A HB2  1 
ATOM 488 H HB3  . GLU A 1 31 ? -13.882 3.895   0.242   1.00 0.00 ? 31 GLU A HB3  1 
ATOM 489 H HG2  . GLU A 1 31 ? -12.179 5.630   0.536   1.00 0.00 ? 31 GLU A HG2  1 
ATOM 490 H HG3  . GLU A 1 31 ? -12.807 6.526   -0.864  1.00 0.00 ? 31 GLU A HG3  1 
ATOM 491 N N    . THR A 1 32 ? -11.515 2.517   -0.020  1.00 0.00 ? 32 THR A N    1 
ATOM 492 C CA   . THR A 1 32 ? -10.344 2.034   0.690   1.00 0.00 ? 32 THR A CA   1 
ATOM 493 C C    . THR A 1 32 ? -9.360  1.403   -0.294  1.00 0.00 ? 32 THR A C    1 
ATOM 494 O O    . THR A 1 32 ? -8.159  1.642   -0.212  1.00 0.00 ? 32 THR A O    1 
ATOM 495 C CB   . THR A 1 32 ? -10.790 1.014   1.740   1.00 0.00 ? 32 THR A CB   1 
ATOM 496 O OG1  . THR A 1 32 ? -11.932 1.498   2.415   1.00 0.00 ? 32 THR A OG1  1 
ATOM 497 C CG2  . THR A 1 32 ? -9.665  0.780   2.750   1.00 0.00 ? 32 THR A CG2  1 
ATOM 498 H H    . THR A 1 32 ? -12.407 2.083   0.184   1.00 0.00 ? 32 THR A H    1 
ATOM 499 H HA   . THR A 1 32 ? -9.861  2.873   1.191   1.00 0.00 ? 32 THR A HA   1 
ATOM 500 H HB   . THR A 1 32 ? -11.035 0.077   1.248   1.00 0.00 ? 32 THR A HB   1 
ATOM 501 H HG1  . THR A 1 32 ? -11.731 2.367   2.775   1.00 0.00 ? 32 THR A HG1  1 
ATOM 502 H HG21 . THR A 1 32 ? -9.400  1.723   3.229   1.00 0.00 ? 32 THR A HG21 1 
ATOM 503 H HG22 . THR A 1 32 ? -9.999  0.070   3.507   1.00 0.00 ? 32 THR A HG22 1 
ATOM 504 H HG23 . THR A 1 32 ? -8.792  0.377   2.237   1.00 0.00 ? 32 THR A HG23 1 
ATOM 505 N N    . ARG A 1 33 ? -9.879  0.594   -1.225  1.00 0.00 ? 33 ARG A N    1 
ATOM 506 C CA   . ARG A 1 33 ? -9.056  -0.070  -2.223  1.00 0.00 ? 33 ARG A CA   1 
ATOM 507 C C    . ARG A 1 33 ? -8.217  0.961   -2.980  1.00 0.00 ? 33 ARG A C    1 
ATOM 508 O O    . ARG A 1 33 ? -6.998  0.818   -3.085  1.00 0.00 ? 33 ARG A O    1 
ATOM 509 C CB   . ARG A 1 33 ? -9.973  -0.845  -3.174  1.00 0.00 ? 33 ARG A CB   1 
ATOM 510 C CG   . ARG A 1 33 ? -9.140  -1.690  -4.142  1.00 0.00 ? 33 ARG A CG   1 
ATOM 511 C CD   . ARG A 1 33 ? -10.046 -2.684  -4.877  1.00 0.00 ? 33 ARG A CD   1 
ATOM 512 N NE   . ARG A 1 33 ? -10.526 -3.737  -3.963  1.00 0.00 ? 33 ARG A NE   1 
ATOM 513 C CZ   . ARG A 1 33 ? -11.729 -3.715  -3.347  1.00 0.00 ? 33 ARG A CZ   1 
ATOM 514 N NH1  . ARG A 1 33 ? -12.696 -2.882  -3.746  1.00 0.00 ? 33 ARG A NH1  1 
ATOM 515 N NH2  . ARG A 1 33 ? -11.958 -4.537  -2.319  1.00 0.00 ? 33 ARG A NH2  1 
ATOM 516 H H    . ARG A 1 33 ? -10.880 0.433   -1.245  1.00 0.00 ? 33 ARG A H    1 
ATOM 517 H HA   . ARG A 1 33 ? -8.390  -0.772  -1.722  1.00 0.00 ? 33 ARG A HA   1 
ATOM 518 H HB2  . ARG A 1 33 ? -10.620 -1.495  -2.589  1.00 0.00 ? 33 ARG A HB2  1 
ATOM 519 H HB3  . ARG A 1 33 ? -10.586 -0.144  -3.741  1.00 0.00 ? 33 ARG A HB3  1 
ATOM 520 H HG2  . ARG A 1 33 ? -8.657  -1.037  -4.869  1.00 0.00 ? 33 ARG A HG2  1 
ATOM 521 H HG3  . ARG A 1 33 ? -8.379  -2.237  -3.585  1.00 0.00 ? 33 ARG A HG3  1 
ATOM 522 H HD2  . ARG A 1 33 ? -10.892 -2.150  -5.308  1.00 0.00 ? 33 ARG A HD2  1 
ATOM 523 H HD3  . ARG A 1 33 ? -9.479  -3.151  -5.684  1.00 0.00 ? 33 ARG A HD3  1 
ATOM 524 H HE   . ARG A 1 33 ? -9.906  -4.515  -3.790  1.00 0.00 ? 33 ARG A HE   1 
ATOM 525 H HH11 . ARG A 1 33 ? -12.576 -2.313  -4.577  1.00 0.00 ? 33 ARG A HH11 1 
ATOM 526 H HH12 . ARG A 1 33 ? -13.561 -2.821  -3.222  1.00 0.00 ? 33 ARG A HH12 1 
ATOM 527 H HH21 . ARG A 1 33 ? -11.260 -5.211  -2.044  1.00 0.00 ? 33 ARG A HH21 1 
ATOM 528 H HH22 . ARG A 1 33 ? -12.837 -4.480  -1.814  1.00 0.00 ? 33 ARG A HH22 1 
ATOM 529 N N    . ASN A 1 34 ? -8.874  1.998   -3.502  1.00 0.00 ? 34 ASN A N    1 
ATOM 530 C CA   . ASN A 1 34 ? -8.202  3.047   -4.251  1.00 0.00 ? 34 ASN A CA   1 
ATOM 531 C C    . ASN A 1 34 ? -7.227  3.797   -3.347  1.00 0.00 ? 34 ASN A C    1 
ATOM 532 O O    . ASN A 1 34 ? -6.121  4.113   -3.769  1.00 0.00 ? 34 ASN A O    1 
ATOM 533 C CB   . ASN A 1 34 ? -9.243  4.009   -4.832  1.00 0.00 ? 34 ASN A CB   1 
ATOM 534 C CG   . ASN A 1 34 ? -10.103 3.326   -5.894  1.00 0.00 ? 34 ASN A CG   1 
ATOM 535 O OD1  . ASN A 1 34 ? -9.826  2.199   -6.298  1.00 0.00 ? 34 ASN A OD1  1 
ATOM 536 N ND2  . ASN A 1 34 ? -11.151 4.015   -6.348  1.00 0.00 ? 34 ASN A ND2  1 
ATOM 537 H H    . ASN A 1 34 ? -9.875  2.065   -3.380  1.00 0.00 ? 34 ASN A H    1 
ATOM 538 H HA   . ASN A 1 34 ? -7.642  2.594   -5.070  1.00 0.00 ? 34 ASN A HA   1 
ATOM 539 H HB2  . ASN A 1 34 ? -9.886  4.371   -4.028  1.00 0.00 ? 34 ASN A HB2  1 
ATOM 540 H HB3  . ASN A 1 34 ? -8.729  4.858   -5.285  1.00 0.00 ? 34 ASN A HB3  1 
ATOM 541 H HD21 . ASN A 1 34 ? -11.339 4.940   -5.991  1.00 0.00 ? 34 ASN A HD21 1 
ATOM 542 H HD22 . ASN A 1 34 ? -11.753 3.608   -7.048  1.00 0.00 ? 34 ASN A HD22 1 
ATOM 543 N N    . ALA A 1 35 ? -7.637  4.084   -2.103  1.00 0.00 ? 35 ALA A N    1 
ATOM 544 C CA   . ALA A 1 35 ? -6.793  4.806   -1.158  1.00 0.00 ? 35 ALA A CA   1 
ATOM 545 C C    . ALA A 1 35 ? -5.466  4.071   -0.953  1.00 0.00 ? 35 ALA A C    1 
ATOM 546 O O    . ALA A 1 35 ? -4.414  4.701   -0.912  1.00 0.00 ? 35 ALA A O    1 
ATOM 547 C CB   . ALA A 1 35 ? -7.533  4.965   0.172   1.00 0.00 ? 35 ALA A CB   1 
ATOM 548 H H    . ALA A 1 35 ? -8.561  3.799   -1.802  1.00 0.00 ? 35 ALA A H    1 
ATOM 549 H HA   . ALA A 1 35 ? -6.586  5.798   -1.561  1.00 0.00 ? 35 ALA A HA   1 
ATOM 550 H HB1  . ALA A 1 35 ? -8.480  5.477   0.004   1.00 0.00 ? 35 ALA A HB1  1 
ATOM 551 H HB2  . ALA A 1 35 ? -7.723  3.984   0.605   1.00 0.00 ? 35 ALA A HB2  1 
ATOM 552 H HB3  . ALA A 1 35 ? -6.922  5.551   0.859   1.00 0.00 ? 35 ALA A HB3  1 
ATOM 553 N N    . VAL A 1 36 ? -5.516  2.738   -0.823  1.00 0.00 ? 36 VAL A N    1 
ATOM 554 C CA   . VAL A 1 36 ? -4.316  1.937   -0.620  1.00 0.00 ? 36 VAL A CA   1 
ATOM 555 C C    . VAL A 1 36 ? -3.387  2.065   -1.830  1.00 0.00 ? 36 VAL A C    1 
ATOM 556 O O    . VAL A 1 36 ? -2.229  2.454   -1.681  1.00 0.00 ? 36 VAL A O    1 
ATOM 557 C CB   . VAL A 1 36 ? -4.713  0.470   -0.371  1.00 0.00 ? 36 VAL A CB   1 
ATOM 558 C CG1  . VAL A 1 36 ? -3.487  -0.441  -0.510  1.00 0.00 ? 36 VAL A CG1  1 
ATOM 559 C CG2  . VAL A 1 36 ? -5.283  0.329   1.044   1.00 0.00 ? 36 VAL A CG2  1 
ATOM 560 H H    . VAL A 1 36 ? -6.411  2.263   -0.865  1.00 0.00 ? 36 VAL A H    1 
ATOM 561 H HA   . VAL A 1 36 ? -3.791  2.309   0.258   1.00 0.00 ? 36 VAL A HA   1 
ATOM 562 H HB   . VAL A 1 36 ? -5.469  0.169   -1.096  1.00 0.00 ? 36 VAL A HB   1 
ATOM 563 H HG11 . VAL A 1 36 ? -2.665  -0.041  0.084   1.00 0.00 ? 36 VAL A HG11 1 
ATOM 564 H HG12 . VAL A 1 36 ? -3.737  -1.441  -0.156  1.00 0.00 ? 36 VAL A HG12 1 
ATOM 565 H HG13 . VAL A 1 36 ? -3.187  -0.496  -1.556  1.00 0.00 ? 36 VAL A HG13 1 
ATOM 566 H HG21 . VAL A 1 36 ? -6.130  1.002   1.166   1.00 0.00 ? 36 VAL A HG21 1 
ATOM 567 H HG22 . VAL A 1 36 ? -5.611  -0.697  1.204   1.00 0.00 ? 36 VAL A HG22 1 
ATOM 568 H HG23 . VAL A 1 36 ? -4.513  0.579   1.774   1.00 0.00 ? 36 VAL A HG23 1 
ATOM 569 N N    . TRP A 1 37 ? -3.890  1.734   -3.025  1.00 0.00 ? 37 TRP A N    1 
ATOM 570 C CA   . TRP A 1 37 ? -3.087  1.791   -4.243  1.00 0.00 ? 37 TRP A CA   1 
ATOM 571 C C    . TRP A 1 37 ? -2.547  3.206   -4.469  1.00 0.00 ? 37 TRP A C    1 
ATOM 572 O O    . TRP A 1 37 ? -1.409  3.371   -4.910  1.00 0.00 ? 37 TRP A O    1 
ATOM 573 C CB   . TRP A 1 37 ? -3.929  1.322   -5.432  1.00 0.00 ? 37 TRP A CB   1 
ATOM 574 C CG   . TRP A 1 37 ? -4.386  -0.104  -5.342  1.00 0.00 ? 37 TRP A CG   1 
ATOM 575 C CD1  . TRP A 1 37 ? -5.660  -0.526  -5.438  1.00 0.00 ? 37 TRP A CD1  1 
ATOM 576 C CD2  . TRP A 1 37 ? -3.595  -1.318  -5.134  1.00 0.00 ? 37 TRP A CD2  1 
ATOM 577 N NE1  . TRP A 1 37 ? -5.739  -1.891  -5.302  1.00 0.00 ? 37 TRP A NE1  1 
ATOM 578 C CE2  . TRP A 1 37 ? -4.485  -2.440  -5.110  1.00 0.00 ? 37 TRP A CE2  1 
ATOM 579 C CE3  . TRP A 1 37 ? -2.215  -1.595  -4.963  1.00 0.00 ? 37 TRP A CE3  1 
ATOM 580 C CZ2  . TRP A 1 37 ? -4.034  -3.752  -4.921  1.00 0.00 ? 37 TRP A CZ2  1 
ATOM 581 C CZ3  . TRP A 1 37 ? -1.760  -2.918  -4.772  1.00 0.00 ? 37 TRP A CZ3  1 
ATOM 582 C CH2  . TRP A 1 37 ? -2.668  -3.991  -4.750  1.00 0.00 ? 37 TRP A CH2  1 
ATOM 583 H H    . TRP A 1 37 ? -4.854  1.430   -3.098  1.00 0.00 ? 37 TRP A H    1 
ATOM 584 H HA   . TRP A 1 37 ? -2.242  1.116   -4.131  1.00 0.00 ? 37 TRP A HA   1 
ATOM 585 H HB2  . TRP A 1 37 ? -4.808  1.965   -5.507  1.00 0.00 ? 37 TRP A HB2  1 
ATOM 586 H HB3  . TRP A 1 37 ? -3.338  1.436   -6.340  1.00 0.00 ? 37 TRP A HB3  1 
ATOM 587 H HD1  . TRP A 1 37 ? -6.508  0.123   -5.597  1.00 0.00 ? 37 TRP A HD1  1 
ATOM 588 H HE1  . TRP A 1 37 ? -6.587  -2.438  -5.336  1.00 0.00 ? 37 TRP A HE1  1 
ATOM 589 H HE3  . TRP A 1 37 ? -1.502  -0.785  -4.978  1.00 0.00 ? 37 TRP A HE3  1 
ATOM 590 H HZ2  . TRP A 1 37 ? -4.734  -4.574  -4.905  1.00 0.00 ? 37 TRP A HZ2  1 
ATOM 591 H HZ3  . TRP A 1 37 ? -0.704  -3.108  -4.642  1.00 0.00 ? 37 TRP A HZ3  1 
ATOM 592 H HH2  . TRP A 1 37 ? -2.311  -4.999  -4.600  1.00 0.00 ? 37 TRP A HH2  1 
ATOM 593 N N    . ALA A 1 38 ? -3.358  4.223   -4.165  1.00 0.00 ? 38 ALA A N    1 
ATOM 594 C CA   . ALA A 1 38 ? -2.950  5.608   -4.331  1.00 0.00 ? 38 ALA A CA   1 
ATOM 595 C C    . ALA A 1 38 ? -1.794  5.925   -3.385  1.00 0.00 ? 38 ALA A C    1 
ATOM 596 O O    . ALA A 1 38 ? -0.745  6.380   -3.825  1.00 0.00 ? 38 ALA A O    1 
ATOM 597 C CB   . ALA A 1 38 ? -4.141  6.527   -4.060  1.00 0.00 ? 38 ALA A CB   1 
ATOM 598 H H    . ALA A 1 38 ? -4.283  4.036   -3.808  1.00 0.00 ? 38 ALA A H    1 
ATOM 599 H HA   . ALA A 1 38 ? -2.616  5.758   -5.360  1.00 0.00 ? 38 ALA A HA   1 
ATOM 600 H HB1  . ALA A 1 38 ? -4.514  6.356   -3.050  1.00 0.00 ? 38 ALA A HB1  1 
ATOM 601 H HB2  . ALA A 1 38 ? -3.829  7.566   -4.161  1.00 0.00 ? 38 ALA A HB2  1 
ATOM 602 H HB3  . ALA A 1 38 ? -4.934  6.317   -4.779  1.00 0.00 ? 38 ALA A HB3  1 
ATOM 603 N N    . ALA A 1 39 ? -1.991  5.679   -2.083  1.00 0.00 ? 39 ALA A N    1 
ATOM 604 C CA   . ALA A 1 39 ? -0.978  5.954   -1.070  1.00 0.00 ? 39 ALA A CA   1 
ATOM 605 C C    . ALA A 1 39 ? 0.346   5.272   -1.424  1.00 0.00 ? 39 ALA A C    1 
ATOM 606 O O    . ALA A 1 39 ? 1.410   5.881   -1.295  1.00 0.00 ? 39 ALA A O    1 
ATOM 607 C CB   . ALA A 1 39 ? -1.485  5.470   0.289   1.00 0.00 ? 39 ALA A CB   1 
ATOM 608 H H    . ALA A 1 39 ? -2.875  5.293   -1.779  1.00 0.00 ? 39 ALA A H    1 
ATOM 609 H HA   . ALA A 1 39 ? -0.817  7.032   -1.019  1.00 0.00 ? 39 ALA A HA   1 
ATOM 610 H HB1  . ALA A 1 39 ? -1.701  4.402   0.239   1.00 0.00 ? 39 ALA A HB1  1 
ATOM 611 H HB2  . ALA A 1 39 ? -0.723  5.650   1.048   1.00 0.00 ? 39 ALA A HB2  1 
ATOM 612 H HB3  . ALA A 1 39 ? -2.394  6.011   0.553   1.00 0.00 ? 39 ALA A HB3  1 
ATOM 613 N N    . ILE A 1 40 ? 0.280   4.009   -1.870  1.00 0.00 ? 40 ILE A N    1 
ATOM 614 C CA   . ILE A 1 40 ? 1.469   3.242   -2.232  1.00 0.00 ? 40 ILE A CA   1 
ATOM 615 C C    . ILE A 1 40 ? 2.306   4.003   -3.271  1.00 0.00 ? 40 ILE A C    1 
ATOM 616 O O    . ILE A 1 40 ? 3.533   4.036   -3.172  1.00 0.00 ? 40 ILE A O    1 
ATOM 617 C CB   . ILE A 1 40 ? 1.034   1.859   -2.770  1.00 0.00 ? 40 ILE A CB   1 
ATOM 618 C CG1  . ILE A 1 40 ? 0.626   0.964   -1.588  1.00 0.00 ? 40 ILE A CG1  1 
ATOM 619 C CG2  . ILE A 1 40 ? 2.188   1.198   -3.539  1.00 0.00 ? 40 ILE A CG2  1 
ATOM 620 C CD1  . ILE A 1 40 ? -0.090  -0.294  -2.087  1.00 0.00 ? 40 ILE A CD1  1 
ATOM 621 H H    . ILE A 1 40 ? -0.624  3.560   -1.959  1.00 0.00 ? 40 ILE A H    1 
ATOM 622 H HA   . ILE A 1 40 ? 2.077   3.094   -1.339  1.00 0.00 ? 40 ILE A HA   1 
ATOM 623 H HB   . ILE A 1 40 ? 0.183   1.984   -3.439  1.00 0.00 ? 40 ILE A HB   1 
ATOM 624 H HG12 . ILE A 1 40 ? 1.517   0.673   -1.030  1.00 0.00 ? 40 ILE A HG12 1 
ATOM 625 H HG13 . ILE A 1 40 ? -0.044  1.516   -0.933  1.00 0.00 ? 40 ILE A HG13 1 
ATOM 626 H HG21 . ILE A 1 40 ? 3.054   1.104   -2.886  1.00 0.00 ? 40 ILE A HG21 1 
ATOM 627 H HG22 . ILE A 1 40 ? 1.884   0.209   -3.876  1.00 0.00 ? 40 ILE A HG22 1 
ATOM 628 H HG23 . ILE A 1 40 ? 2.450   1.802   -4.405  1.00 0.00 ? 40 ILE A HG23 1 
ATOM 629 H HD11 . ILE A 1 40 ? -0.901  -0.012  -2.754  1.00 0.00 ? 40 ILE A HD11 1 
ATOM 630 H HD12 . ILE A 1 40 ? 0.613   -0.932  -2.619  1.00 0.00 ? 40 ILE A HD12 1 
ATOM 631 H HD13 . ILE A 1 40 ? -0.496  -0.840  -1.236  1.00 0.00 ? 40 ILE A HD13 1 
ATOM 632 N N    . LYS A 1 41 ? 1.646   4.603   -4.268  1.00 0.00 ? 41 LYS A N    1 
ATOM 633 C CA   . LYS A 1 41 ? 2.334   5.303   -5.339  1.00 0.00 ? 41 LYS A CA   1 
ATOM 634 C C    . LYS A 1 41 ? 2.751   6.696   -4.879  1.00 0.00 ? 41 LYS A C    1 
ATOM 635 O O    . LYS A 1 41 ? 3.856   7.142   -5.180  1.00 0.00 ? 41 LYS A O    1 
ATOM 636 C CB   . LYS A 1 41 ? 1.401   5.388   -6.553  1.00 0.00 ? 41 LYS A CB   1 
ATOM 637 C CG   . LYS A 1 41 ? 2.146   5.993   -7.745  1.00 0.00 ? 41 LYS A CG   1 
ATOM 638 C CD   . LYS A 1 41 ? 1.218   6.024   -8.962  1.00 0.00 ? 41 LYS A CD   1 
ATOM 639 C CE   . LYS A 1 41 ? 1.947   6.660   -10.149 1.00 0.00 ? 41 LYS A CE   1 
ATOM 640 N NZ   . LYS A 1 41 ? 1.074   6.720   -11.335 1.00 0.00 ? 41 LYS A NZ   1 
ATOM 641 H H    . LYS A 1 41 ? 0.637   4.574   -4.291  1.00 0.00 ? 41 LYS A H    1 
ATOM 642 H HA   . LYS A 1 41 ? 3.226   4.739   -5.617  1.00 0.00 ? 41 LYS A HA   1 
ATOM 643 H HB2  . LYS A 1 41 ? 1.057   4.385   -6.812  1.00 0.00 ? 41 LYS A HB2  1 
ATOM 644 H HB3  . LYS A 1 41 ? 0.540   6.011   -6.306  1.00 0.00 ? 41 LYS A HB3  1 
ATOM 645 H HG2  . LYS A 1 41 ? 2.459   7.009   -7.503  1.00 0.00 ? 41 LYS A HG2  1 
ATOM 646 H HG3  . LYS A 1 41 ? 3.023   5.386   -7.972  1.00 0.00 ? 41 LYS A HG3  1 
ATOM 647 H HD2  . LYS A 1 41 ? 0.922   5.006   -9.220  1.00 0.00 ? 41 LYS A HD2  1 
ATOM 648 H HD3  . LYS A 1 41 ? 0.329   6.611   -8.725  1.00 0.00 ? 41 LYS A HD3  1 
ATOM 649 H HE2  . LYS A 1 41 ? 2.254   7.673   -9.881  1.00 0.00 ? 41 LYS A HE2  1 
ATOM 650 H HE3  . LYS A 1 41 ? 2.832   6.069   -10.386 1.00 0.00 ? 41 LYS A HE3  1 
ATOM 651 H HZ1  . LYS A 1 41 ? 0.254   7.271   -11.123 1.00 0.00 ? 41 LYS A HZ1  1 
ATOM 652 H HZ2  . LYS A 1 41 ? 1.576   7.145   -12.102 1.00 0.00 ? 41 LYS A HZ2  1 
ATOM 653 H HZ3  . LYS A 1 41 ? 0.793   5.785   -11.594 1.00 0.00 ? 41 LYS A HZ3  1 
ATOM 654 N N    . GLU A 1 42 ? 1.859   7.381   -4.159  1.00 0.00 ? 42 GLU A N    1 
ATOM 655 C CA   . GLU A 1 42 ? 2.107   8.734   -3.697  1.00 0.00 ? 42 GLU A CA   1 
ATOM 656 C C    . GLU A 1 42 ? 3.364   8.792   -2.829  1.00 0.00 ? 42 GLU A C    1 
ATOM 657 O O    . GLU A 1 42 ? 4.216   9.654   -3.033  1.00 0.00 ? 42 GLU A O    1 
ATOM 658 C CB   . GLU A 1 42 ? 0.887   9.233   -2.919  1.00 0.00 ? 42 GLU A CB   1 
ATOM 659 C CG   . GLU A 1 42 ? -0.247  9.569   -3.896  1.00 0.00 ? 42 GLU A CG   1 
ATOM 660 C CD   . GLU A 1 42 ? -1.559  9.815   -3.161  1.00 0.00 ? 42 GLU A CD   1 
ATOM 661 O OE1  . GLU A 1 42 ? -1.511  9.890   -1.913  1.00 0.00 ? 42 GLU A OE1  1 
ATOM 662 O OE2  . GLU A 1 42 ? -2.588  9.927   -3.859  1.00 0.00 ? 42 GLU A OE2  1 
ATOM 663 H H    . GLU A 1 42 ? 0.973   6.957   -3.931  1.00 0.00 ? 42 GLU A H    1 
ATOM 664 H HA   . GLU A 1 42 ? 2.252   9.370   -4.566  1.00 0.00 ? 42 GLU A HA   1 
ATOM 665 H HB2  . GLU A 1 42 ? 0.558   8.458   -2.227  1.00 0.00 ? 42 GLU A HB2  1 
ATOM 666 H HB3  . GLU A 1 42 ? 1.156   10.129  -2.357  1.00 0.00 ? 42 GLU A HB3  1 
ATOM 667 H HG2  . GLU A 1 42 ? 0.019   10.465  -4.458  1.00 0.00 ? 42 GLU A HG2  1 
ATOM 668 H HG3  . GLU A 1 42 ? -0.381  8.741   -4.591  1.00 0.00 ? 42 GLU A HG3  1 
ATOM 669 N N    . LEU A 1 43 ? 3.481   7.875   -1.861  1.00 0.00 ? 43 LEU A N    1 
ATOM 670 C CA   . LEU A 1 43 ? 4.634   7.843   -0.966  1.00 0.00 ? 43 LEU A CA   1 
ATOM 671 C C    . LEU A 1 43 ? 5.835   7.169   -1.642  1.00 0.00 ? 43 LEU A C    1 
ATOM 672 O O    . LEU A 1 43 ? 6.882   7.025   -1.015  1.00 0.00 ? 43 LEU A O    1 
ATOM 673 C CB   . LEU A 1 43 ? 4.256   7.105   0.323   1.00 0.00 ? 43 LEU A CB   1 
ATOM 674 C CG   . LEU A 1 43 ? 3.456   8.035   1.245   1.00 0.00 ? 43 LEU A CG   1 
ATOM 675 C CD1  . LEU A 1 43 ? 2.634   7.196   2.221   1.00 0.00 ? 43 LEU A CD1  1 
ATOM 676 C CD2  . LEU A 1 43 ? 4.413   8.936   2.036   1.00 0.00 ? 43 LEU A CD2  1 
ATOM 677 H H    . LEU A 1 43 ? 2.754   7.182   -1.735  1.00 0.00 ? 43 LEU A H    1 
ATOM 678 H HA   . LEU A 1 43 ? 4.911   8.866   -0.716  1.00 0.00 ? 43 LEU A HA   1 
ATOM 679 H HB2  . LEU A 1 43 ? 3.654   6.232   0.073   1.00 0.00 ? 43 LEU A HB2  1 
ATOM 680 H HB3  . LEU A 1 43 ? 5.161   6.780   0.836   1.00 0.00 ? 43 LEU A HB3  1 
ATOM 681 H HG   . LEU A 1 43 ? 2.785   8.654   0.648   1.00 0.00 ? 43 LEU A HG   1 
ATOM 682 H HD11 . LEU A 1 43 ? 3.292   6.515   2.759   1.00 0.00 ? 43 LEU A HD11 1 
ATOM 683 H HD12 . LEU A 1 43 ? 2.129   7.850   2.930   1.00 0.00 ? 43 LEU A HD12 1 
ATOM 684 H HD13 . LEU A 1 43 ? 1.893   6.621   1.666   1.00 0.00 ? 43 LEU A HD13 1 
ATOM 685 H HD21 . LEU A 1 43 ? 5.085   8.318   2.632   1.00 0.00 ? 43 LEU A HD21 1 
ATOM 686 H HD22 . LEU A 1 43 ? 4.996   9.546   1.348   1.00 0.00 ? 43 LEU A HD22 1 
ATOM 687 H HD23 . LEU A 1 43 ? 3.837   9.585   2.695   1.00 0.00 ? 43 LEU A HD23 1 
ATOM 688 N N    . HIS A 1 44 ? 5.686   6.762   -2.915  1.00 0.00 ? 44 HIS A N    1 
ATOM 689 C CA   . HIS A 1 44 ? 6.767   6.126   -3.666  1.00 0.00 ? 44 HIS A CA   1 
ATOM 690 C C    . HIS A 1 44 ? 7.300   4.918   -2.899  1.00 0.00 ? 44 HIS A C    1 
ATOM 691 O O    . HIS A 1 44 ? 8.511   4.706   -2.836  1.00 0.00 ? 44 HIS A O    1 
ATOM 692 C CB   . HIS A 1 44 ? 7.887   7.135   -3.894  1.00 0.00 ? 44 HIS A CB   1 
ATOM 693 C CG   . HIS A 1 44 ? 7.407   8.455   -4.446  1.00 0.00 ? 44 HIS A CG   1 
ATOM 694 N ND1  . HIS A 1 44 ? 6.250   8.583   -5.207  1.00 0.00 ? 44 HIS A ND1  1 
ATOM 695 C CD2  . HIS A 1 44 ? 7.915   9.727   -4.364  1.00 0.00 ? 44 HIS A CD2  1 
ATOM 696 C CE1  . HIS A 1 44 ? 6.135   9.887   -5.526  1.00 0.00 ? 44 HIS A CE1  1 
ATOM 697 N NE2  . HIS A 1 44 ? 7.122   10.642  -5.041  1.00 0.00 ? 44 HIS A NE2  1 
ATOM 698 H H    . HIS A 1 44 ? 4.801   6.898   -3.384  1.00 0.00 ? 44 HIS A H    1 
ATOM 699 H HA   . HIS A 1 44 ? 6.383   5.793   -4.631  1.00 0.00 ? 44 HIS A HA   1 
ATOM 700 H HB2  . HIS A 1 44 ? 8.376   7.309   -2.941  1.00 0.00 ? 44 HIS A HB2  1 
ATOM 701 H HB3  . HIS A 1 44 ? 8.612   6.707   -4.588  1.00 0.00 ? 44 HIS A HB3  1 
ATOM 702 H HD1  . HIS A 1 44 ? 5.614   7.840   -5.468  1.00 0.00 ? 44 HIS A HD1  1 
ATOM 703 H HD2  . HIS A 1 44 ? 8.821   9.985   -3.837  1.00 0.00 ? 44 HIS A HD2  1 
ATOM 704 H HE1  . HIS A 1 44 ? 5.323   10.283  -6.117  1.00 0.00 ? 44 HIS A HE1  1 
ATOM 705 N N    . TYR A 1 45 ? 6.381   4.144   -2.319  1.00 0.00 ? 45 TYR A N    1 
ATOM 706 C CA   . TYR A 1 45 ? 6.708   2.952   -1.537  1.00 0.00 ? 45 TYR A CA   1 
ATOM 707 C C    . TYR A 1 45 ? 7.879   2.195   -2.162  1.00 0.00 ? 45 TYR A C    1 
ATOM 708 O O    . TYR A 1 45 ? 7.855   1.883   -3.351  1.00 0.00 ? 45 TYR A O    1 
ATOM 709 C CB   . TYR A 1 45 ? 5.477   2.048   -1.463  1.00 0.00 ? 45 TYR A CB   1 
ATOM 710 C CG   . TYR A 1 45 ? 5.778   0.662   -0.928  1.00 0.00 ? 45 TYR A CG   1 
ATOM 711 C CD1  . TYR A 1 45 ? 6.225   0.494   0.397   1.00 0.00 ? 45 TYR A CD1  1 
ATOM 712 C CD2  . TYR A 1 45 ? 5.618   -0.461  -1.760  1.00 0.00 ? 45 TYR A CD2  1 
ATOM 713 C CE1  . TYR A 1 45 ? 6.515   -0.792  0.883   1.00 0.00 ? 45 TYR A CE1  1 
ATOM 714 C CE2  . TYR A 1 45 ? 5.905   -1.746  -1.271  1.00 0.00 ? 45 TYR A CE2  1 
ATOM 715 C CZ   . TYR A 1 45 ? 6.353   -1.912  0.049   1.00 0.00 ? 45 TYR A CZ   1 
ATOM 716 O OH   . TYR A 1 45 ? 6.633   -3.162  0.522   1.00 0.00 ? 45 TYR A OH   1 
ATOM 717 H H    . TYR A 1 45 ? 5.413   4.395   -2.419  1.00 0.00 ? 45 TYR A H    1 
ATOM 718 H HA   . TYR A 1 45 ? 6.982   3.258   -0.527  1.00 0.00 ? 45 TYR A HA   1 
ATOM 719 H HB2  . TYR A 1 45 ? 4.735   2.520   -0.821  1.00 0.00 ? 45 TYR A HB2  1 
ATOM 720 H HB3  . TYR A 1 45 ? 5.060   1.952   -2.465  1.00 0.00 ? 45 TYR A HB3  1 
ATOM 721 H HD1  . TYR A 1 45 ? 6.349   1.354   1.039   1.00 0.00 ? 45 TYR A HD1  1 
ATOM 722 H HD2  . TYR A 1 45 ? 5.277   -0.337  -2.778  1.00 0.00 ? 45 TYR A HD2  1 
ATOM 723 H HE1  . TYR A 1 45 ? 6.862   -0.921  1.896   1.00 0.00 ? 45 TYR A HE1  1 
ATOM 724 H HE2  . TYR A 1 45 ? 5.781   -2.608  -1.911  1.00 0.00 ? 45 TYR A HE2  1 
ATOM 725 H HH   . TYR A 1 45 ? 6.903   -3.163  1.442   1.00 0.00 ? 45 TYR A HH   1 
ATOM 726 N N    . SER A 1 46 ? 8.902   1.907   -1.344  1.00 0.00 ? 46 SER A N    1 
ATOM 727 C CA   . SER A 1 46 ? 10.091  1.200   -1.792  1.00 0.00 ? 46 SER A CA   1 
ATOM 728 C C    . SER A 1 46 ? 10.169  -0.168  -1.108  1.00 0.00 ? 46 SER A C    1 
ATOM 729 O O    . SER A 1 46 ? 10.581  -0.246  0.050   1.00 0.00 ? 46 SER A O    1 
ATOM 730 C CB   . SER A 1 46 ? 11.322  2.041   -1.445  1.00 0.00 ? 46 SER A CB   1 
ATOM 731 O OG   . SER A 1 46 ? 12.494  1.295   -1.697  1.00 0.00 ? 46 SER A OG   1 
ATOM 732 H H    . SER A 1 46 ? 8.856   2.191   -0.373  1.00 0.00 ? 46 SER A H    1 
ATOM 733 H HA   . SER A 1 46 ? 10.053  1.068   -2.872  1.00 0.00 ? 46 SER A HA   1 
ATOM 734 H HB2  . SER A 1 46 ? 11.328  2.946   -2.055  1.00 0.00 ? 46 SER A HB2  1 
ATOM 735 H HB3  . SER A 1 46 ? 11.289  2.317   -0.389  1.00 0.00 ? 46 SER A HB3  1 
ATOM 736 H HG   . SER A 1 46 ? 13.255  1.839   -1.476  1.00 0.00 ? 46 SER A HG   1 
ATOM 737 N N    . PRO A 1 47 ? 9.783   -1.256  -1.811  1.00 0.00 ? 47 PRO A N    1 
ATOM 738 C CA   . PRO A 1 47 ? 9.863   -2.598  -1.275  1.00 0.00 ? 47 PRO A CA   1 
ATOM 739 C C    . PRO A 1 47 ? 11.323  -3.052  -1.255  1.00 0.00 ? 47 PRO A C    1 
ATOM 740 O O    . PRO A 1 47 ? 11.731  -3.897  -2.051  1.00 0.00 ? 47 PRO A O    1 
ATOM 741 C CB   . PRO A 1 47 ? 9.021   -3.461  -2.211  1.00 0.00 ? 47 PRO A CB   1 
ATOM 742 C CG   . PRO A 1 47 ? 8.798   -2.632  -3.483  1.00 0.00 ? 47 PRO A CG   1 
ATOM 743 C CD   . PRO A 1 47 ? 9.254   -1.207  -3.159  1.00 0.00 ? 47 PRO A CD   1 
ATOM 744 H HA   . PRO A 1 47 ? 9.448   -2.626  -0.266  1.00 0.00 ? 47 PRO A HA   1 
ATOM 745 H HB2  . PRO A 1 47 ? 9.542   -4.386  -2.447  1.00 0.00 ? 47 PRO A HB2  1 
ATOM 746 H HB3  . PRO A 1 47 ? 8.065   -3.685  -1.742  1.00 0.00 ? 47 PRO A HB3  1 
ATOM 747 H HG2  . PRO A 1 47 ? 9.396   -3.037  -4.300  1.00 0.00 ? 47 PRO A HG2  1 
ATOM 748 H HG3  . PRO A 1 47 ? 7.743   -2.636  -3.754  1.00 0.00 ? 47 PRO A HG3  1 
ATOM 749 H HD2  . PRO A 1 47 ? 10.031  -0.895  -3.859  1.00 0.00 ? 47 PRO A HD2  1 
ATOM 750 H HD3  . PRO A 1 47 ? 8.407   -0.526  -3.207  1.00 0.00 ? 47 PRO A HD3  1 
ATOM 751 N N    . SER A 1 48 ? 12.109  -2.479  -0.346  1.00 0.00 ? 48 SER A N    1 
ATOM 752 C CA   . SER A 1 48 ? 13.521  -2.793  -0.226  1.00 0.00 ? 48 SER A CA   1 
ATOM 753 C C    . SER A 1 48 ? 14.223  -2.595  -1.575  1.00 0.00 ? 48 SER A C    1 
ATOM 754 O O    . SER A 1 48 ? 15.082  -3.392  -1.951  1.00 0.00 ? 48 SER A O    1 
ATOM 755 C CB   . SER A 1 48 ? 13.693  -4.229  0.284   1.00 0.00 ? 48 SER A CB   1 
ATOM 756 O OG   . SER A 1 48 ? 12.946  -4.404  1.470   1.00 0.00 ? 48 SER A OG   1 
ATOM 757 H H    . SER A 1 48 ? 11.718  -1.790  0.285   1.00 0.00 ? 48 SER A H    1 
ATOM 758 H HA   . SER A 1 48 ? 13.957  -2.114  0.495   1.00 0.00 ? 48 SER A HA   1 
ATOM 759 H HB2  . SER A 1 48 ? 13.344  -4.932  -0.474  1.00 0.00 ? 48 SER A HB2  1 
ATOM 760 H HB3  . SER A 1 48 ? 14.747  -4.416  0.490   1.00 0.00 ? 48 SER A HB3  1 
ATOM 761 H HG   . SER A 1 48 ? 12.019  -4.256  1.270   1.00 0.00 ? 48 SER A HG   1 
ATOM 762 N N    . ALA A 1 49 ? 13.849  -1.530  -2.301  1.00 0.00 ? 49 ALA A N    1 
ATOM 763 C CA   . ALA A 1 49 ? 14.426  -1.236  -3.603  1.00 0.00 ? 49 ALA A CA   1 
ATOM 764 C C    . ALA A 1 49 ? 14.151  0.223   -3.960  1.00 0.00 ? 49 ALA A C    1 
ATOM 765 O O    . ALA A 1 49 ? 13.153  0.532   -4.607  1.00 0.00 ? 49 ALA A O    1 
ATOM 766 C CB   . ALA A 1 49 ? 13.823  -2.178  -4.650  1.00 0.00 ? 49 ALA A CB   1 
ATOM 767 H H    . ALA A 1 49 ? 13.141  -0.904  -1.940  1.00 0.00 ? 49 ALA A H    1 
ATOM 768 H HA   . ALA A 1 49 ? 15.505  -1.395  -3.562  1.00 0.00 ? 49 ALA A HA   1 
ATOM 769 H HB1  . ALA A 1 49 ? 12.738  -2.076  -4.652  1.00 0.00 ? 49 ALA A HB1  1 
ATOM 770 H HB2  . ALA A 1 49 ? 14.214  -1.923  -5.635  1.00 0.00 ? 49 ALA A HB2  1 
ATOM 771 H HB3  . ALA A 1 49 ? 14.089  -3.207  -4.411  1.00 0.00 ? 49 ALA A HB3  1 
ATOM 772 N N    . VAL A 1 50 ? 15.046  1.120   -3.528  1.00 0.00 ? 50 VAL A N    1 
ATOM 773 C CA   . VAL A 1 50 ? 14.901  2.549   -3.780  1.00 0.00 ? 50 VAL A CA   1 
ATOM 774 C C    . VAL A 1 50 ? 14.931  2.840   -5.286  1.00 0.00 ? 50 VAL A C    1 
ATOM 775 O O    . VAL A 1 50 ? 14.322  3.806   -5.738  1.00 0.00 ? 50 VAL A O    1 
ATOM 776 C CB   . VAL A 1 50 ? 16.017  3.308   -3.036  1.00 0.00 ? 50 VAL A CB   1 
ATOM 777 C CG1  . VAL A 1 50 ? 17.386  2.999   -3.659  1.00 0.00 ? 50 VAL A CG1  1 
ATOM 778 C CG2  . VAL A 1 50 ? 15.756  4.816   -3.102  1.00 0.00 ? 50 VAL A CG2  1 
ATOM 779 H H    . VAL A 1 50 ? 15.850  0.807   -3.005  1.00 0.00 ? 50 VAL A H    1 
ATOM 780 H HA   . VAL A 1 50 ? 13.938  2.874   -3.385  1.00 0.00 ? 50 VAL A HA   1 
ATOM 781 H HB   . VAL A 1 50 ? 16.024  2.994   -1.991  1.00 0.00 ? 50 VAL A HB   1 
ATOM 782 H HG11 . VAL A 1 50 ? 17.532  1.921   -3.708  1.00 0.00 ? 50 VAL A HG11 1 
ATOM 783 H HG12 . VAL A 1 50 ? 17.437  3.419   -4.663  1.00 0.00 ? 50 VAL A HG12 1 
ATOM 784 H HG13 . VAL A 1 50 ? 18.170  3.442   -3.044  1.00 0.00 ? 50 VAL A HG13 1 
ATOM 785 H HG21 . VAL A 1 50 ? 14.751  5.028   -2.732  1.00 0.00 ? 50 VAL A HG21 1 
ATOM 786 H HG22 . VAL A 1 50 ? 16.487  5.338   -2.484  1.00 0.00 ? 50 VAL A HG22 1 
ATOM 787 H HG23 . VAL A 1 50 ? 15.843  5.160   -4.132  1.00 0.00 ? 50 VAL A HG23 1 
ATOM 788 N N    . ALA A 1 51 ? 15.640  2.003   -6.059  1.00 0.00 ? 51 ALA A N    1 
ATOM 789 C CA   . ALA A 1 51 ? 15.747  2.184   -7.499  1.00 0.00 ? 51 ALA A CA   1 
ATOM 790 C C    . ALA A 1 51 ? 14.365  2.073   -8.146  1.00 0.00 ? 51 ALA A C    1 
ATOM 791 O O    . ALA A 1 51 ? 13.829  3.065   -8.639  1.00 0.00 ? 51 ALA A O    1 
ATOM 792 C CB   . ALA A 1 51 ? 16.706  1.137   -8.070  1.00 0.00 ? 51 ALA A CB   1 
ATOM 793 H H    . ALA A 1 51 ? 16.121  1.222   -5.639  1.00 0.00 ? 51 ALA A H    1 
ATOM 794 H HA   . ALA A 1 51 ? 16.151  3.177   -7.701  1.00 0.00 ? 51 ALA A HA   1 
ATOM 795 H HB1  . ALA A 1 51 ? 16.359  0.138   -7.806  1.00 0.00 ? 51 ALA A HB1  1 
ATOM 796 H HB2  . ALA A 1 51 ? 16.744  1.232   -9.156  1.00 0.00 ? 51 ALA A HB2  1 
ATOM 797 H HB3  . ALA A 1 51 ? 17.703  1.294   -7.658  1.00 0.00 ? 51 ALA A HB3  1 
ATOM 798 N N    . ARG A 1 52 ? 13.791  0.863   -8.145  1.00 0.00 ? 52 ARG A N    1 
ATOM 799 C CA   . ARG A 1 52 ? 12.481  0.623   -8.725  1.00 0.00 ? 52 ARG A CA   1 
ATOM 800 C C    . ARG A 1 52 ? 11.981  -0.753  -8.261  1.00 0.00 ? 52 ARG A C    1 
ATOM 801 O O    . ARG A 1 52 ? 12.143  -1.100  -7.095  1.00 0.00 ? 52 ARG A O    1 
ATOM 802 C CB   . ARG A 1 52 ? 12.576  0.719   -10.262 1.00 0.00 ? 52 ARG A CB   1 
ATOM 803 C CG   . ARG A 1 52 ? 11.213  1.116   -10.846 1.00 0.00 ? 52 ARG A CG   1 
ATOM 804 C CD   . ARG A 1 52 ? 11.235  0.945   -12.366 1.00 0.00 ? 52 ARG A CD   1 
ATOM 805 N NE   . ARG A 1 52 ? 9.923   1.253   -12.946 1.00 0.00 ? 52 ARG A NE   1 
ATOM 806 C CZ   . ARG A 1 52 ? 9.638   1.086   -14.249 1.00 0.00 ? 52 ARG A CZ   1 
ATOM 807 N NH1  . ARG A 1 52 ? 10.579  0.640   -15.093 1.00 0.00 ? 52 ARG A NH1  1 
ATOM 808 N NH2  . ARG A 1 52 ? 8.410   1.365   -14.704 1.00 0.00 ? 52 ARG A NH2  1 
ATOM 809 H H    . ARG A 1 52 ? 14.272  0.082   -7.728  1.00 0.00 ? 52 ARG A H    1 
ATOM 810 H HA   . ARG A 1 52 ? 11.791  1.388   -8.365  1.00 0.00 ? 52 ARG A HA   1 
ATOM 811 H HB2  . ARG A 1 52 ? 13.311  1.476   -10.533 1.00 0.00 ? 52 ARG A HB2  1 
ATOM 812 H HB3  . ARG A 1 52 ? 12.888  -0.242  -10.671 1.00 0.00 ? 52 ARG A HB3  1 
ATOM 813 H HG2  . ARG A 1 52 ? 10.432  0.487   -10.422 1.00 0.00 ? 52 ARG A HG2  1 
ATOM 814 H HG3  . ARG A 1 52 ? 11.007  2.159   -10.602 1.00 0.00 ? 52 ARG A HG3  1 
ATOM 815 H HD2  . ARG A 1 52 ? 11.984  1.615   -12.791 1.00 0.00 ? 52 ARG A HD2  1 
ATOM 816 H HD3  . ARG A 1 52 ? 11.499  -0.086  -12.606 1.00 0.00 ? 52 ARG A HD3  1 
ATOM 817 H HE   . ARG A 1 52 ? 9.208   1.609   -12.325 1.00 0.00 ? 52 ARG A HE   1 
ATOM 818 H HH11 . ARG A 1 52 ? 11.507  0.436   -14.752 1.00 0.00 ? 52 ARG A HH11 1 
ATOM 819 H HH12 . ARG A 1 52 ? 10.362  0.508   -16.070 1.00 0.00 ? 52 ARG A HH12 1 
ATOM 820 H HH21 . ARG A 1 52 ? 7.699   1.701   -14.069 1.00 0.00 ? 52 ARG A HH21 1 
ATOM 821 H HH22 . ARG A 1 52 ? 8.192   1.240   -15.682 1.00 0.00 ? 52 ARG A HH22 1 
ATOM 822 N N    . SER A 1 53 ? 11.380  -1.533  -9.167  1.00 0.00 ? 53 SER A N    1 
ATOM 823 C CA   . SER A 1 53 ? 10.863  -2.852  -8.837  1.00 0.00 ? 53 SER A CA   1 
ATOM 824 C C    . SER A 1 53 ? 10.525  -3.600  -10.124 1.00 0.00 ? 53 SER A C    1 
ATOM 825 O O    . SER A 1 53 ? 9.395   -3.525  -10.609 1.00 0.00 ? 53 SER A O    1 
ATOM 826 C CB   . SER A 1 53 ? 9.622   -2.708  -7.945  1.00 0.00 ? 53 SER A CB   1 
ATOM 827 O OG   . SER A 1 53 ? 8.698   -1.829  -8.553  1.00 0.00 ? 53 SER A OG   1 
ATOM 828 H H    . SER A 1 53 ? 11.276  -1.207  -10.112 1.00 0.00 ? 53 SER A H    1 
ATOM 829 H HA   . SER A 1 53 ? 11.627  -3.410  -8.292  1.00 0.00 ? 53 SER A HA   1 
ATOM 830 H HB2  . SER A 1 53 ? 9.157   -3.685  -7.808  1.00 0.00 ? 53 SER A HB2  1 
ATOM 831 H HB3  . SER A 1 53 ? 9.914   -2.308  -6.974  1.00 0.00 ? 53 SER A HB3  1 
ATOM 832 H HG   . SER A 1 53 ? 8.472   -2.180  -9.422  1.00 0.00 ? 53 SER A HG   1 
ATOM 833 N N    . LEU A 1 54 ? 11.508  -4.318  -10.678 1.00 0.00 ? 54 LEU A N    1 
ATOM 834 C CA   . LEU A 1 54 ? 11.322  -5.077  -11.907 1.00 0.00 ? 54 LEU A CA   1 
ATOM 835 C C    . LEU A 1 54 ? 12.440  -6.108  -12.047 1.00 0.00 ? 54 LEU A C    1 
ATOM 836 O O    . LEU A 1 54 ? 13.415  -6.074  -11.295 1.00 0.00 ? 54 LEU A O    1 
ATOM 837 C CB   . LEU A 1 54 ? 11.275  -4.124  -13.121 1.00 0.00 ? 54 LEU A CB   1 
ATOM 838 C CG   . LEU A 1 54 ? 12.681  -3.615  -13.505 1.00 0.00 ? 54 LEU A CG   1 
ATOM 839 C CD1  . LEU A 1 54 ? 12.572  -2.763  -14.772 1.00 0.00 ? 54 LEU A CD1  1 
ATOM 840 C CD2  . LEU A 1 54 ? 13.274  -2.763  -12.378 1.00 0.00 ? 54 LEU A CD2  1 
ATOM 841 H H    . LEU A 1 54 ? 12.417  -4.345  -10.237 1.00 0.00 ? 54 LEU A H    1 
ATOM 842 H HA   . LEU A 1 54 ? 10.370  -5.608  -11.845 1.00 0.00 ? 54 LEU A HA   1 
ATOM 843 H HB2  . LEU A 1 54 ? 10.851  -4.659  -13.972 1.00 0.00 ? 54 LEU A HB2  1 
ATOM 844 H HB3  . LEU A 1 54 ? 10.636  -3.272  -12.887 1.00 0.00 ? 54 LEU A HB3  1 
ATOM 845 H HG   . LEU A 1 54 ? 13.337  -4.459  -13.703 1.00 0.00 ? 54 LEU A HG   1 
ATOM 846 H HD11 . LEU A 1 54 ? 12.143  -3.361  -15.576 1.00 0.00 ? 54 LEU A HD11 1 
ATOM 847 H HD12 . LEU A 1 54 ? 11.930  -1.903  -14.579 1.00 0.00 ? 54 LEU A HD12 1 
ATOM 848 H HD13 . LEU A 1 54 ? 13.563  -2.418  -15.066 1.00 0.00 ? 54 LEU A HD13 1 
ATOM 849 H HD21 . LEU A 1 54 ? 12.500  -2.122  -11.959 1.00 0.00 ? 54 LEU A HD21 1 
ATOM 850 H HD22 . LEU A 1 54 ? 13.671  -3.411  -11.598 1.00 0.00 ? 54 LEU A HD22 1 
ATOM 851 H HD23 . LEU A 1 54 ? 14.080  -2.145  -12.774 1.00 0.00 ? 54 LEU A HD23 1 
ATOM 852 N N    . LYS A 1 55 ? 12.293  -7.025  -13.014 1.00 0.00 ? 55 LYS A N    1 
ATOM 853 C CA   . LYS A 1 55 ? 13.279  -8.072  -13.259 1.00 0.00 ? 55 LYS A CA   1 
ATOM 854 C C    . LYS A 1 55 ? 13.412  -8.955  -12.008 1.00 0.00 ? 55 LYS A C    1 
ATOM 855 O O    . LYS A 1 55 ? 12.446  -9.118  -11.262 1.00 0.00 ? 55 LYS A O    1 
ATOM 856 C CB   . LYS A 1 55 ? 14.622  -7.426  -13.655 1.00 0.00 ? 55 LYS A CB   1 
ATOM 857 C CG   . LYS A 1 55 ? 15.389  -8.339  -14.625 1.00 0.00 ? 55 LYS A CG   1 
ATOM 858 C CD   . LYS A 1 55 ? 14.883  -8.119  -16.058 1.00 0.00 ? 55 LYS A CD   1 
ATOM 859 C CE   . LYS A 1 55 ? 15.757  -8.900  -17.046 1.00 0.00 ? 55 LYS A CE   1 
ATOM 860 N NZ   . LYS A 1 55 ? 15.665  -10.353 -16.813 1.00 0.00 ? 55 LYS A NZ   1 
ATOM 861 H H    . LYS A 1 55 ? 11.471  -7.000  -13.601 1.00 0.00 ? 55 LYS A H    1 
ATOM 862 H HA   . LYS A 1 55 ? 12.927  -8.691  -14.084 1.00 0.00 ? 55 LYS A HA   1 
ATOM 863 H HB2  . LYS A 1 55 ? 14.434  -6.469  -14.140 1.00 0.00 ? 55 LYS A HB2  1 
ATOM 864 H HB3  . LYS A 1 55 ? 15.225  -7.260  -12.761 1.00 0.00 ? 55 LYS A HB3  1 
ATOM 865 H HG2  . LYS A 1 55 ? 16.452  -8.099  -14.576 1.00 0.00 ? 55 LYS A HG2  1 
ATOM 866 H HG3  . LYS A 1 55 ? 15.240  -9.380  -14.343 1.00 0.00 ? 55 LYS A HG3  1 
ATOM 867 H HD2  . LYS A 1 55 ? 13.850  -8.457  -16.137 1.00 0.00 ? 55 LYS A HD2  1 
ATOM 868 H HD3  . LYS A 1 55 ? 14.933  -7.055  -16.298 1.00 0.00 ? 55 LYS A HD3  1 
ATOM 869 H HE2  . LYS A 1 55 ? 15.425  -8.682  -18.062 1.00 0.00 ? 55 LYS A HE2  1 
ATOM 870 H HE3  . LYS A 1 55 ? 16.795  -8.584  -16.935 1.00 0.00 ? 55 LYS A HE3  1 
ATOM 871 H HZ1  . LYS A 1 55 ? 14.702  -10.648 -16.885 1.00 0.00 ? 55 LYS A HZ1  1 
ATOM 872 H HZ2  . LYS A 1 55 ? 16.217  -10.841 -17.504 1.00 0.00 ? 55 LYS A HZ2  1 
ATOM 873 H HZ3  . LYS A 1 55 ? 16.017  -10.570 -15.891 1.00 0.00 ? 55 LYS A HZ3  1 
ATOM 874 N N    . VAL A 1 56 ? 14.606  -9.522  -11.785 1.00 0.00 ? 56 VAL A N    1 
ATOM 875 C CA   . VAL A 1 56 ? 14.870  -10.381 -10.639 1.00 0.00 ? 56 VAL A CA   1 
ATOM 876 C C    . VAL A 1 56 ? 16.303  -10.149 -10.165 1.00 0.00 ? 56 VAL A C    1 
ATOM 877 O O    . VAL A 1 56 ? 16.589  -10.539 -9.013  1.00 0.00 ? 56 VAL A O    1 
ATOM 878 C CB   . VAL A 1 56 ? 14.656  -11.860 -11.019 1.00 0.00 ? 56 VAL A CB   1 
ATOM 879 C CG1  . VAL A 1 56 ? 13.175  -12.121 -11.311 1.00 0.00 ? 56 VAL A CG1  1 
ATOM 880 C CG2  . VAL A 1 56 ? 15.490  -12.221 -12.257 1.00 0.00 ? 56 VAL A CG2  1 
ATOM 881 O OXT  . VAL A 1 56 ? 17.109  -9.682  -11.004 1.00 0.00 ? 56 VAL A OXT  1 
ATOM 882 H H    . VAL A 1 56 ? 15.365  -9.352  -12.425 1.00 0.00 ? 56 VAL A H    1 
ATOM 883 H HA   . VAL A 1 56 ? 14.187  -10.121 -9.830  1.00 0.00 ? 56 VAL A HA   1 
ATOM 884 H HB   . VAL A 1 56 ? 14.968  -12.490 -10.185 1.00 0.00 ? 56 VAL A HB   1 
ATOM 885 H HG11 . VAL A 1 56 ? 12.570  -11.762 -10.478 1.00 0.00 ? 56 VAL A HG11 1 
ATOM 886 H HG12 . VAL A 1 56 ? 12.883  -11.600 -12.223 1.00 0.00 ? 56 VAL A HG12 1 
ATOM 887 H HG13 . VAL A 1 56 ? 13.013  -13.191 -11.439 1.00 0.00 ? 56 VAL A HG13 1 
ATOM 888 H HG21 . VAL A 1 56 ? 16.544  -12.029 -12.058 1.00 0.00 ? 56 VAL A HG21 1 
ATOM 889 H HG22 . VAL A 1 56 ? 15.354  -13.278 -12.488 1.00 0.00 ? 56 VAL A HG22 1 
ATOM 890 H HG23 . VAL A 1 56 ? 15.165  -11.622 -13.107 1.00 0.00 ? 56 VAL A HG23 1 
# 
